data_3M84
#
_entry.id   3M84
#
_cell.length_a   62.708
_cell.length_b   90.560
_cell.length_c   118.989
_cell.angle_alpha   90.00
_cell.angle_beta   90.00
_cell.angle_gamma   90.00
#
_symmetry.space_group_name_H-M   'P 21 21 21'
#
loop_
_entity.id
_entity.type
_entity.pdbx_description
1 polymer 'Phosphoribosylformylglycinamidine cyclo-ligase'
2 non-polymer 'SULFATE ION'
3 non-polymer 'ADENOSINE MONOPHOSPHATE'
4 non-polymer 'ACETIC ACID'
5 non-polymer 'FORMIC ACID'
6 non-polymer 2-AMINO-2-HYDROXYMETHYL-PROPANE-1,3-DIOL
7 water water
#
_entity_poly.entity_id   1
_entity_poly.type   'polypeptide(L)'
_entity_poly.pdbx_seq_one_letter_code
;SNA(MSE)AGLKYEDAGVNIEAGNQAVER(MSE)KQHVKKTFTQDVLTGLGSFGSLYSLKNIINNYDDPVLVQSIDGVGT
KTKVAV(MSE)CGKFENLGYDLFSAATNDIVV(MSE)GAKPITFLDYVAHDKLDPAI(MSE)EELVKG(MSE)SKACAEC
GVSLVGGETAE(MSE)PGVYQAGEID(MSE)VGVITGIVDRKRIINGENIKEGDIVFGLSSSGLHTNGYSFARKLFFDVA
GNKHTDTYPELEGKTIGDVLLEPHINYTNIIHDFLDNGVDIKG(MSE)AHITGGGFIENIPRVLPQGLGAQIDKDSFATP
AIFKL(MSE)QRIGDISEFE(MSE)YRSFN(MSE)GIG(MSE)TIIASQDQFDK(MSE)QELAKKHTNTKLYQIGKITNS
GKVEII
;
_entity_poly.pdbx_strand_id   A,B
#
loop_
_chem_comp.id
_chem_comp.type
_chem_comp.name
_chem_comp.formula
ACY non-polymer 'ACETIC ACID' 'C2 H4 O2'
AMP non-polymer 'ADENOSINE MONOPHOSPHATE' 'C10 H14 N5 O7 P'
FMT non-polymer 'FORMIC ACID' 'C H2 O2'
SO4 non-polymer 'SULFATE ION' 'O4 S -2'
TRS non-polymer 2-AMINO-2-HYDROXYMETHYL-PROPANE-1,3-DIOL 'C4 H12 N O3 1'
#
# COMPACT_ATOMS: atom_id res chain seq x y z
N ALA A 3 -35.37 41.78 -5.21
CA ALA A 3 -36.30 42.24 -4.18
C ALA A 3 -37.62 42.67 -4.79
N MSE A 4 -37.59 43.00 -6.09
CA MSE A 4 -38.77 43.45 -6.81
C MSE A 4 -39.15 42.40 -7.84
O MSE A 4 -38.31 41.63 -8.29
CB MSE A 4 -38.49 44.78 -7.50
CG MSE A 4 -37.90 45.84 -6.55
SE MSE A 4 -39.22 46.39 -5.20
CE MSE A 4 -39.39 48.28 -5.75
N ALA A 5 -40.42 42.39 -8.24
CA ALA A 5 -40.90 41.34 -9.12
C ALA A 5 -40.40 41.48 -10.55
N GLY A 6 -40.37 40.35 -11.26
CA GLY A 6 -40.21 40.34 -12.71
C GLY A 6 -38.78 40.40 -13.16
N LEU A 7 -37.85 40.15 -12.24
CA LEU A 7 -36.43 40.24 -12.53
C LEU A 7 -35.83 38.84 -12.62
N LYS A 8 -34.63 38.74 -13.17
CA LYS A 8 -33.98 37.44 -13.23
C LYS A 8 -33.48 37.00 -11.87
N TYR A 9 -33.61 35.70 -11.61
CA TYR A 9 -32.83 35.08 -10.57
C TYR A 9 -31.57 34.62 -11.29
N GLU A 10 -30.44 35.19 -10.91
CA GLU A 10 -29.17 34.84 -11.55
C GLU A 10 -29.02 33.33 -11.76
N ASP A 11 -29.28 32.54 -10.72
CA ASP A 11 -28.98 31.12 -10.79
C ASP A 11 -30.21 30.20 -10.95
N ALA A 12 -31.36 30.74 -11.34
CA ALA A 12 -32.52 29.87 -11.57
C ALA A 12 -32.19 28.92 -12.71
N GLY A 13 -32.39 27.63 -12.49
CA GLY A 13 -32.17 26.63 -13.54
C GLY A 13 -30.82 25.94 -13.39
N VAL A 14 -30.05 26.30 -12.38
CA VAL A 14 -28.86 25.50 -12.03
C VAL A 14 -28.74 25.29 -10.53
N ASN A 15 -28.61 24.02 -10.14
CA ASN A 15 -28.34 23.68 -8.76
C ASN A 15 -26.96 23.07 -8.67
N ILE A 16 -26.21 23.45 -7.65
CA ILE A 16 -24.87 22.90 -7.44
C ILE A 16 -24.77 22.33 -6.03
N GLU A 17 -24.50 21.04 -5.92
CA GLU A 17 -24.53 20.37 -4.63
C GLU A 17 -23.42 20.90 -3.74
N ALA A 18 -23.78 21.30 -2.53
CA ALA A 18 -22.85 21.93 -1.62
C ALA A 18 -22.18 20.91 -0.70
N GLY A 19 -21.08 21.31 -0.08
CA GLY A 19 -20.35 20.44 0.80
C GLY A 19 -19.62 19.38 0.00
N ASN A 20 -19.33 18.26 0.65
CA ASN A 20 -18.66 17.14 0.00
C ASN A 20 -19.33 15.88 0.45
N GLN A 21 -20.51 15.62 -0.11
CA GLN A 21 -21.37 14.57 0.43
C GLN A 21 -20.84 13.15 0.24
N ALA A 22 -20.19 12.89 -0.89
CA ALA A 22 -19.59 11.57 -1.12
C ALA A 22 -18.49 11.31 -0.11
N VAL A 23 -17.63 12.32 0.11
CA VAL A 23 -16.54 12.19 1.08
C VAL A 23 -17.03 11.86 2.49
N GLU A 24 -18.11 12.50 2.94
CA GLU A 24 -18.65 12.25 4.29
CA GLU A 24 -18.63 12.25 4.29
C GLU A 24 -19.26 10.86 4.41
N ARG A 25 -19.92 10.40 3.37
CA ARG A 25 -20.47 9.07 3.40
C ARG A 25 -19.30 8.06 3.47
N MSE A 26 -18.22 8.35 2.73
CA MSE A 26 -17.04 7.49 2.75
C MSE A 26 -16.46 7.41 4.15
O MSE A 26 -16.08 6.33 4.62
CB MSE A 26 -15.99 8.03 1.78
CG MSE A 26 -14.67 7.23 1.79
SE MSE A 26 -13.51 7.97 0.41
CE MSE A 26 -15.00 8.63 -0.57
N LYS A 27 -16.39 8.54 4.83
CA LYS A 27 -15.84 8.56 6.18
C LYS A 27 -16.71 7.73 7.12
N GLN A 28 -18.01 7.77 6.88
CA GLN A 28 -18.91 6.99 7.70
C GLN A 28 -18.70 5.50 7.51
N HIS A 29 -18.49 5.08 6.26
CA HIS A 29 -18.22 3.66 5.98
C HIS A 29 -16.96 3.23 6.73
N VAL A 30 -15.93 4.06 6.70
CA VAL A 30 -14.66 3.71 7.35
C VAL A 30 -14.85 3.57 8.86
N LYS A 31 -15.52 4.56 9.45
CA LYS A 31 -15.75 4.53 10.89
C LYS A 31 -16.47 3.26 11.37
N LYS A 32 -17.38 2.71 10.57
CA LYS A 32 -18.06 1.46 10.95
C LYS A 32 -17.13 0.27 11.14
N THR A 33 -15.93 0.34 10.57
CA THR A 33 -14.98 -0.77 10.70
C THR A 33 -14.24 -0.75 12.04
N PHE A 34 -14.31 0.37 12.75
CA PHE A 34 -13.42 0.56 13.89
C PHE A 34 -13.81 -0.37 15.04
N THR A 35 -12.85 -1.15 15.54
CA THR A 35 -13.07 -1.88 16.78
C THR A 35 -12.65 -1.00 17.97
N GLN A 36 -12.79 -1.53 19.18
CA GLN A 36 -12.45 -0.78 20.39
C GLN A 36 -10.97 -0.47 20.46
N ASP A 37 -10.17 -1.21 19.70
CA ASP A 37 -8.71 -1.01 19.73
C ASP A 37 -8.25 0.20 18.90
N VAL A 38 -9.15 0.76 18.09
CA VAL A 38 -8.80 1.91 17.28
C VAL A 38 -8.70 3.17 18.13
N LEU A 39 -7.63 3.93 17.95
CA LEU A 39 -7.51 5.24 18.60
C LEU A 39 -7.74 6.33 17.57
N THR A 40 -8.63 7.26 17.92
CA THR A 40 -9.07 8.30 17.01
C THR A 40 -8.62 9.67 17.53
N GLY A 41 -9.06 10.73 16.85
CA GLY A 41 -8.72 12.08 17.27
C GLY A 41 -7.33 12.50 16.82
N LEU A 42 -6.94 12.07 15.63
CA LEU A 42 -5.68 12.50 15.03
C LEU A 42 -5.92 13.07 13.64
N GLY A 43 -7.19 13.27 13.32
CA GLY A 43 -7.59 14.00 12.13
C GLY A 43 -7.24 13.38 10.79
N SER A 44 -6.58 14.17 9.96
CA SER A 44 -6.30 13.80 8.58
C SER A 44 -5.38 12.59 8.46
N PHE A 45 -4.54 12.36 9.47
CA PHE A 45 -3.58 11.27 9.43
C PHE A 45 -4.24 9.92 9.15
N GLY A 46 -5.33 9.64 9.85
CA GLY A 46 -5.96 8.33 9.87
C GLY A 46 -6.18 7.97 11.33
N SER A 47 -6.25 6.68 11.64
CA SER A 47 -6.40 6.26 13.03
C SER A 47 -5.18 5.46 13.43
N LEU A 48 -5.05 5.18 14.74
CA LEU A 48 -3.96 4.35 15.25
C LEU A 48 -4.57 3.10 15.85
N TYR A 49 -3.75 2.11 16.17
CA TYR A 49 -4.30 0.83 16.60
C TYR A 49 -3.61 0.28 17.82
N SER A 50 -4.34 0.20 18.95
CA SER A 50 -3.76 -0.34 20.17
C SER A 50 -3.61 -1.86 20.14
N LEU A 51 -2.43 -2.32 20.51
CA LEU A 51 -2.13 -3.74 20.54
C LEU A 51 -2.35 -4.36 21.91
N LYS A 52 -2.72 -3.54 22.91
CA LYS A 52 -2.85 -4.05 24.28
C LYS A 52 -3.64 -5.36 24.37
N ASN A 53 -4.79 -5.43 23.68
CA ASN A 53 -5.55 -6.67 23.68
C ASN A 53 -4.82 -7.85 23.01
N ILE A 54 -4.22 -7.59 21.85
CA ILE A 54 -3.31 -8.57 21.22
C ILE A 54 -2.25 -9.11 22.18
N ILE A 55 -1.46 -8.22 22.76
CA ILE A 55 -0.37 -8.63 23.63
C ILE A 55 -0.84 -9.57 24.73
N ASN A 56 -2.00 -9.28 25.30
CA ASN A 56 -2.56 -10.15 26.33
C ASN A 56 -2.69 -11.58 25.81
N ASN A 57 -3.19 -11.70 24.59
CA ASN A 57 -3.59 -13.01 24.05
C ASN A 57 -2.50 -13.82 23.32
N TYR A 58 -1.24 -13.36 23.34
CA TYR A 58 -0.18 -14.02 22.56
C TYR A 58 1.17 -14.20 23.29
N ASP A 59 1.75 -15.39 23.20
CA ASP A 59 3.08 -15.67 23.77
C ASP A 59 4.23 -14.88 23.11
N ASP A 60 4.48 -15.19 21.84
N ASP A 60 4.46 -15.12 21.83
CA ASP A 60 5.33 -14.39 20.98
CA ASP A 60 5.37 -14.26 21.07
C ASP A 60 4.49 -14.02 19.77
C ASP A 60 4.73 -13.87 19.75
N PRO A 61 3.90 -12.82 19.80
CA PRO A 61 3.12 -12.35 18.67
C PRO A 61 4.03 -11.96 17.52
N VAL A 62 3.62 -12.38 16.33
CA VAL A 62 4.33 -12.08 15.10
C VAL A 62 3.42 -11.23 14.22
N LEU A 63 3.96 -10.13 13.71
CA LEU A 63 3.25 -9.25 12.83
C LEU A 63 3.39 -9.76 11.41
N VAL A 64 2.25 -10.01 10.78
N VAL A 64 2.27 -10.08 10.78
CA VAL A 64 2.19 -10.62 9.45
CA VAL A 64 2.33 -10.58 9.41
C VAL A 64 1.54 -9.63 8.47
C VAL A 64 1.57 -9.66 8.47
N GLN A 65 2.21 -9.33 7.35
CA GLN A 65 1.69 -8.30 6.46
C GLN A 65 1.76 -8.71 5.00
N SER A 66 0.86 -8.16 4.20
CA SER A 66 0.89 -8.42 2.77
C SER A 66 0.37 -7.23 2.01
N ILE A 67 1.02 -6.95 0.89
CA ILE A 67 0.62 -5.83 0.02
C ILE A 67 0.20 -6.41 -1.33
N ASP A 68 -0.93 -5.98 -1.88
CA ASP A 68 -1.45 -6.60 -3.10
CA ASP A 68 -1.37 -6.56 -3.14
C ASP A 68 -2.29 -5.62 -3.90
N GLY A 69 -2.36 -5.82 -5.21
CA GLY A 69 -3.34 -5.15 -6.04
C GLY A 69 -4.35 -6.17 -6.54
N VAL A 70 -5.31 -5.74 -7.35
CA VAL A 70 -6.27 -6.71 -7.84
C VAL A 70 -6.09 -7.08 -9.32
N GLY A 71 -5.14 -6.46 -10.01
CA GLY A 71 -4.90 -6.78 -11.42
C GLY A 71 -5.88 -6.07 -12.35
N THR A 72 -6.03 -6.57 -13.58
CA THR A 72 -6.80 -5.83 -14.59
C THR A 72 -8.32 -6.01 -14.47
N LYS A 73 -8.75 -6.74 -13.44
CA LYS A 73 -10.16 -6.70 -13.11
C LYS A 73 -10.63 -5.24 -12.97
N THR A 74 -9.75 -4.33 -12.56
CA THR A 74 -10.15 -2.92 -12.45
C THR A 74 -10.70 -2.40 -13.77
N LYS A 75 -10.16 -2.91 -14.89
CA LYS A 75 -10.62 -2.48 -16.20
C LYS A 75 -12.08 -2.87 -16.46
N VAL A 76 -12.46 -4.04 -15.95
CA VAL A 76 -13.84 -4.49 -16.08
C VAL A 76 -14.77 -3.64 -15.23
N ALA A 77 -14.35 -3.34 -14.00
CA ALA A 77 -15.14 -2.46 -13.14
C ALA A 77 -15.36 -1.11 -13.82
N VAL A 78 -14.31 -0.57 -14.44
CA VAL A 78 -14.44 0.73 -15.10
C VAL A 78 -15.39 0.67 -16.31
N MSE A 79 -15.25 -0.39 -17.11
CA MSE A 79 -16.11 -0.64 -18.27
C MSE A 79 -17.59 -0.72 -17.88
O MSE A 79 -18.48 -0.19 -18.56
CB MSE A 79 -15.67 -1.96 -18.92
CG MSE A 79 -16.53 -2.43 -20.07
SE MSE A 79 -15.99 -4.28 -20.41
CE MSE A 79 -14.05 -4.08 -20.36
N CYS A 80 -17.86 -1.37 -16.75
CA CYS A 80 -19.23 -1.59 -16.29
C CYS A 80 -19.77 -0.46 -15.41
N GLY A 81 -18.88 0.40 -14.92
CA GLY A 81 -19.27 1.45 -13.99
C GLY A 81 -19.71 0.94 -12.62
N LYS A 82 -19.12 -0.15 -12.15
CA LYS A 82 -19.53 -0.78 -10.89
C LYS A 82 -18.31 -1.07 -10.04
N PHE A 83 -18.28 -0.52 -8.82
CA PHE A 83 -17.05 -0.48 -8.04
C PHE A 83 -17.14 -1.05 -6.62
N GLU A 84 -18.34 -1.25 -6.08
CA GLU A 84 -18.38 -1.69 -4.67
C GLU A 84 -17.74 -3.05 -4.53
N ASN A 85 -18.09 -3.99 -5.41
CA ASN A 85 -17.46 -5.30 -5.35
C ASN A 85 -15.94 -5.24 -5.52
N LEU A 86 -15.46 -4.24 -6.26
CA LEU A 86 -14.02 -4.11 -6.51
C LEU A 86 -13.27 -3.71 -5.24
N GLY A 87 -13.90 -2.89 -4.40
CA GLY A 87 -13.31 -2.58 -3.11
C GLY A 87 -13.21 -3.81 -2.24
N TYR A 88 -14.26 -4.63 -2.28
CA TYR A 88 -14.27 -5.88 -1.53
C TYR A 88 -13.16 -6.81 -2.07
N ASP A 89 -13.04 -6.89 -3.40
CA ASP A 89 -11.94 -7.64 -4.06
C ASP A 89 -10.58 -7.26 -3.47
N LEU A 90 -10.35 -5.97 -3.32
CA LEU A 90 -9.03 -5.52 -2.86
C LEU A 90 -8.71 -6.10 -1.47
N PHE A 91 -9.69 -6.01 -0.58
CA PHE A 91 -9.53 -6.53 0.77
C PHE A 91 -9.23 -8.02 0.74
N SER A 92 -10.02 -8.78 0.00
CA SER A 92 -9.83 -10.23 -0.03
C SER A 92 -8.51 -10.62 -0.66
N ALA A 93 -8.15 -9.96 -1.75
CA ALA A 93 -6.88 -10.28 -2.41
C ALA A 93 -5.68 -10.16 -1.46
N ALA A 94 -5.66 -9.15 -0.61
CA ALA A 94 -4.56 -9.02 0.34
C ALA A 94 -4.72 -9.96 1.53
N THR A 95 -5.91 -9.95 2.11
CA THR A 95 -6.16 -10.64 3.37
C THR A 95 -5.99 -12.16 3.30
N ASN A 96 -6.48 -12.78 2.23
CA ASN A 96 -6.39 -14.24 2.12
C ASN A 96 -4.92 -14.73 2.11
N ASP A 97 -4.00 -13.87 1.69
CA ASP A 97 -2.60 -14.25 1.63
C ASP A 97 -1.93 -14.31 2.98
N ILE A 98 -2.53 -13.72 4.03
CA ILE A 98 -2.01 -13.95 5.38
C ILE A 98 -2.85 -14.96 6.18
N VAL A 99 -4.11 -15.14 5.80
CA VAL A 99 -4.98 -16.10 6.45
C VAL A 99 -4.39 -17.50 6.38
N VAL A 100 -3.65 -17.79 5.30
CA VAL A 100 -3.08 -19.12 5.08
C VAL A 100 -2.06 -19.51 6.15
N MSE A 101 -1.53 -18.52 6.87
CA MSE A 101 -0.56 -18.79 7.94
C MSE A 101 -1.22 -18.90 9.31
O MSE A 101 -0.53 -19.12 10.31
CB MSE A 101 0.52 -17.72 7.98
CG MSE A 101 1.54 -17.88 6.87
SE MSE A 101 2.77 -16.36 6.88
CE MSE A 101 1.58 -15.09 6.04
N GLY A 102 -2.55 -18.72 9.36
CA GLY A 102 -3.28 -18.78 10.62
C GLY A 102 -3.32 -17.44 11.34
N ALA A 103 -2.92 -16.38 10.65
CA ALA A 103 -2.90 -15.05 11.24
C ALA A 103 -4.32 -14.51 11.38
N LYS A 104 -4.53 -13.71 12.42
CA LYS A 104 -5.75 -12.94 12.58
C LYS A 104 -5.54 -11.55 11.99
N PRO A 105 -6.25 -11.21 10.91
CA PRO A 105 -6.17 -9.86 10.35
C PRO A 105 -6.64 -8.82 11.35
N ILE A 106 -5.93 -7.70 11.47
CA ILE A 106 -6.36 -6.64 12.39
C ILE A 106 -6.52 -5.25 11.75
N THR A 107 -5.66 -4.87 10.81
CA THR A 107 -5.79 -3.55 10.17
C THR A 107 -5.62 -3.61 8.66
N PHE A 108 -6.21 -2.64 7.98
CA PHE A 108 -6.14 -2.54 6.52
C PHE A 108 -5.91 -1.08 6.14
N LEU A 109 -5.07 -0.84 5.13
CA LEU A 109 -4.87 0.50 4.55
C LEU A 109 -4.98 0.35 3.06
N ASP A 110 -5.39 1.41 2.37
CA ASP A 110 -5.53 1.30 0.92
C ASP A 110 -5.07 2.55 0.22
N TYR A 111 -4.55 2.38 -1.00
N TYR A 111 -4.58 2.38 -1.01
CA TYR A 111 -4.18 3.50 -1.86
CA TYR A 111 -4.13 3.48 -1.84
C TYR A 111 -4.91 3.27 -3.16
C TYR A 111 -4.75 3.33 -3.23
N VAL A 112 -5.50 4.34 -3.67
CA VAL A 112 -6.17 4.27 -4.97
C VAL A 112 -5.72 5.44 -5.82
N ALA A 113 -5.22 5.12 -7.00
CA ALA A 113 -4.79 6.16 -7.93
C ALA A 113 -5.73 6.18 -9.11
N HIS A 114 -6.04 7.39 -9.58
CA HIS A 114 -7.08 7.54 -10.61
C HIS A 114 -6.53 8.37 -11.76
N ASP A 115 -6.89 8.02 -12.97
CA ASP A 115 -6.76 8.94 -14.09
C ASP A 115 -7.47 10.26 -13.74
N LYS A 116 -8.71 10.14 -13.27
CA LYS A 116 -9.47 11.29 -12.77
C LYS A 116 -10.24 10.85 -11.55
N LEU A 117 -10.01 11.49 -10.42
CA LEU A 117 -10.63 11.02 -9.19
C LEU A 117 -12.06 11.56 -9.09
N ASP A 118 -13.01 10.64 -9.07
CA ASP A 118 -14.42 10.97 -8.89
C ASP A 118 -14.81 10.49 -7.50
N PRO A 119 -15.18 11.43 -6.61
CA PRO A 119 -15.48 11.05 -5.23
C PRO A 119 -16.62 10.04 -5.13
N ALA A 120 -17.52 9.98 -6.11
CA ALA A 120 -18.62 9.01 -6.04
C ALA A 120 -18.10 7.59 -6.28
N ILE A 121 -17.07 7.48 -7.12
CA ILE A 121 -16.42 6.19 -7.34
C ILE A 121 -15.62 5.79 -6.10
N MSE A 122 -14.89 6.74 -5.51
N MSE A 122 -14.92 6.75 -5.52
CA MSE A 122 -14.15 6.45 -4.29
CA MSE A 122 -14.14 6.47 -4.33
C MSE A 122 -15.09 5.97 -3.19
C MSE A 122 -15.03 6.06 -3.15
O MSE A 122 -14.78 5.00 -2.48
O MSE A 122 -14.63 5.21 -2.34
CB MSE A 122 -13.35 7.67 -3.80
CB MSE A 122 -13.27 7.68 -3.97
CG MSE A 122 -11.97 7.78 -4.38
CG MSE A 122 -12.21 7.33 -2.98
SE MSE A 122 -10.87 6.24 -3.92
SE MSE A 122 -10.91 6.09 -3.75
CE MSE A 122 -10.72 6.53 -1.99
CE MSE A 122 -10.14 5.43 -2.10
N GLU A 123 -16.23 6.64 -3.06
CA GLU A 123 -17.20 6.30 -2.02
CA GLU A 123 -17.16 6.28 -2.00
C GLU A 123 -17.61 4.83 -2.15
N GLU A 124 -17.82 4.41 -3.39
N GLU A 124 -17.83 4.40 -3.39
CA GLU A 124 -18.25 3.05 -3.69
CA GLU A 124 -18.25 3.02 -3.64
C GLU A 124 -17.13 2.04 -3.38
C GLU A 124 -17.12 2.03 -3.39
N LEU A 125 -15.92 2.36 -3.83
CA LEU A 125 -14.77 1.51 -3.55
C LEU A 125 -14.61 1.33 -2.04
N VAL A 126 -14.65 2.43 -1.31
CA VAL A 126 -14.41 2.36 0.13
C VAL A 126 -15.56 1.67 0.87
N LYS A 127 -16.79 1.81 0.35
CA LYS A 127 -17.92 1.07 0.89
C LYS A 127 -17.63 -0.41 0.85
N GLY A 128 -17.13 -0.87 -0.30
CA GLY A 128 -16.83 -2.29 -0.49
C GLY A 128 -15.71 -2.77 0.40
N MSE A 129 -14.62 -2.00 0.48
CA MSE A 129 -13.54 -2.37 1.38
C MSE A 129 -14.02 -2.44 2.82
O MSE A 129 -13.70 -3.37 3.55
CB MSE A 129 -12.41 -1.34 1.33
CG MSE A 129 -11.71 -1.22 0.00
SE MSE A 129 -10.53 0.39 0.10
CE MSE A 129 -10.42 0.76 -1.80
N SER A 130 -14.81 -1.44 3.21
CA SER A 130 -15.25 -1.31 4.60
C SER A 130 -16.20 -2.46 4.96
N LYS A 131 -17.01 -2.87 3.99
CA LYS A 131 -17.90 -4.00 4.20
C LYS A 131 -17.09 -5.26 4.54
N ALA A 132 -16.03 -5.50 3.76
CA ALA A 132 -15.16 -6.65 3.98
C ALA A 132 -14.47 -6.60 5.35
N CYS A 133 -13.98 -5.41 5.70
CA CYS A 133 -13.30 -5.20 6.96
C CYS A 133 -14.25 -5.53 8.11
N ALA A 134 -15.45 -4.96 8.03
CA ALA A 134 -16.40 -5.05 9.15
C ALA A 134 -16.90 -6.47 9.38
N GLU A 135 -16.95 -7.26 8.31
N GLU A 135 -16.96 -7.28 8.33
CA GLU A 135 -17.40 -8.65 8.40
CA GLU A 135 -17.47 -8.62 8.53
C GLU A 135 -16.47 -9.51 9.23
C GLU A 135 -16.45 -9.58 9.16
N CYS A 136 -15.19 -9.12 9.29
CA CYS A 136 -14.19 -9.98 9.92
C CYS A 136 -13.30 -9.30 10.96
N GLY A 137 -13.75 -8.16 11.48
CA GLY A 137 -13.12 -7.54 12.64
C GLY A 137 -11.85 -6.76 12.35
N VAL A 138 -11.70 -6.33 11.09
CA VAL A 138 -10.52 -5.57 10.67
C VAL A 138 -10.89 -4.09 10.64
N SER A 139 -9.98 -3.24 11.12
CA SER A 139 -10.20 -1.80 11.13
C SER A 139 -9.48 -1.16 9.96
N LEU A 140 -10.18 -0.29 9.24
CA LEU A 140 -9.58 0.41 8.10
C LEU A 140 -8.94 1.67 8.66
N VAL A 141 -7.63 1.63 8.87
CA VAL A 141 -6.99 2.64 9.71
C VAL A 141 -6.40 3.79 8.93
N GLY A 142 -6.37 3.70 7.62
CA GLY A 142 -5.89 4.85 6.87
C GLY A 142 -5.82 4.54 5.39
N GLY A 143 -5.57 5.58 4.60
CA GLY A 143 -5.48 5.36 3.17
C GLY A 143 -4.91 6.58 2.51
N GLU A 144 -4.89 6.55 1.18
CA GLU A 144 -4.37 7.68 0.42
C GLU A 144 -4.92 7.58 -0.99
N THR A 145 -4.99 8.70 -1.68
CA THR A 145 -5.43 8.69 -3.06
C THR A 145 -4.45 9.49 -3.88
N ALA A 146 -4.44 9.23 -5.17
CA ALA A 146 -3.67 10.05 -6.09
C ALA A 146 -4.50 10.26 -7.35
N GLU A 147 -4.29 11.40 -7.99
CA GLU A 147 -4.91 11.67 -9.27
C GLU A 147 -3.80 12.00 -10.26
N MSE A 148 -3.67 11.13 -11.27
N MSE A 148 -3.56 11.11 -11.23
CA MSE A 148 -2.51 11.12 -12.15
CA MSE A 148 -2.43 11.31 -12.14
C MSE A 148 -2.91 10.85 -13.60
C MSE A 148 -2.79 10.94 -13.57
O MSE A 148 -2.71 9.76 -14.13
O MSE A 148 -2.47 9.86 -14.05
CB MSE A 148 -1.51 10.05 -11.66
CB MSE A 148 -1.19 10.54 -11.65
CG MSE A 148 -1.31 10.02 -10.15
CG MSE A 148 -0.64 11.00 -10.29
SE MSE A 148 0.30 8.98 -9.65
SE MSE A 148 1.06 10.15 -9.81
CE MSE A 148 1.64 10.24 -10.27
CE MSE A 148 0.51 8.30 -10.01
N PRO A 149 -3.49 11.86 -14.27
CA PRO A 149 -3.96 11.60 -15.64
C PRO A 149 -2.85 11.25 -16.63
N GLY A 150 -1.64 11.78 -16.43
CA GLY A 150 -0.54 11.46 -17.33
C GLY A 150 0.03 10.07 -17.14
N VAL A 151 -0.22 9.50 -15.97
CA VAL A 151 0.24 8.14 -15.68
C VAL A 151 -0.74 7.08 -16.21
N TYR A 152 -2.04 7.35 -16.08
CA TYR A 152 -3.10 6.35 -16.35
C TYR A 152 -3.77 6.51 -17.71
N GLN A 153 -4.13 5.39 -18.31
CA GLN A 153 -4.98 5.41 -19.49
C GLN A 153 -6.34 6.01 -19.11
N ALA A 154 -7.03 6.56 -20.10
CA ALA A 154 -8.28 7.28 -19.84
C ALA A 154 -9.27 6.49 -18.99
N GLY A 155 -9.67 7.06 -17.86
CA GLY A 155 -10.70 6.49 -17.00
C GLY A 155 -10.25 5.35 -16.10
N GLU A 156 -9.00 4.94 -16.24
CA GLU A 156 -8.53 3.75 -15.49
C GLU A 156 -8.08 4.13 -14.08
N ILE A 157 -7.95 3.11 -13.22
CA ILE A 157 -7.50 3.30 -11.84
C ILE A 157 -6.55 2.17 -11.49
N ASP A 158 -5.84 2.31 -10.37
CA ASP A 158 -5.05 1.20 -9.84
C ASP A 158 -5.21 1.27 -8.33
N MSE A 159 -5.12 0.13 -7.66
CA MSE A 159 -5.35 0.11 -6.23
C MSE A 159 -4.34 -0.78 -5.55
O MSE A 159 -3.94 -1.80 -6.10
CB MSE A 159 -6.74 -0.44 -5.91
CG MSE A 159 -7.88 0.28 -6.55
SE MSE A 159 -9.47 -0.67 -5.91
CE MSE A 159 -9.21 -2.36 -6.69
N VAL A 160 -3.96 -0.41 -4.33
CA VAL A 160 -3.05 -1.22 -3.52
C VAL A 160 -3.69 -1.37 -2.15
N GLY A 161 -3.74 -2.60 -1.63
CA GLY A 161 -4.22 -2.82 -0.28
C GLY A 161 -3.12 -3.43 0.57
N VAL A 162 -3.11 -3.10 1.85
CA VAL A 162 -2.14 -3.65 2.78
C VAL A 162 -2.87 -4.20 3.99
N ILE A 163 -2.73 -5.50 4.21
CA ILE A 163 -3.35 -6.13 5.38
C ILE A 163 -2.26 -6.37 6.43
N THR A 164 -2.64 -6.23 7.69
CA THR A 164 -1.71 -6.52 8.80
C THR A 164 -2.47 -7.44 9.73
N GLY A 165 -1.84 -8.55 10.14
CA GLY A 165 -2.44 -9.46 11.10
C GLY A 165 -1.44 -9.90 12.16
N ILE A 166 -1.92 -10.70 13.10
CA ILE A 166 -1.07 -11.20 14.17
C ILE A 166 -1.27 -12.70 14.29
N VAL A 167 -0.16 -13.39 14.57
CA VAL A 167 -0.19 -14.82 14.79
C VAL A 167 0.84 -15.15 15.90
N ASP A 168 0.52 -16.13 16.75
CA ASP A 168 1.52 -16.58 17.74
C ASP A 168 2.57 -17.38 16.99
N ARG A 169 3.85 -17.14 17.30
CA ARG A 169 4.92 -17.76 16.52
CA ARG A 169 4.95 -17.77 16.57
C ARG A 169 4.74 -19.26 16.35
N LYS A 170 4.40 -19.96 17.44
CA LYS A 170 4.28 -21.42 17.41
C LYS A 170 3.12 -21.91 16.56
N ARG A 171 2.13 -21.04 16.35
CA ARG A 171 0.93 -21.38 15.62
C ARG A 171 1.04 -21.05 14.13
N ILE A 172 2.18 -20.55 13.67
CA ILE A 172 2.29 -20.24 12.24
C ILE A 172 2.11 -21.51 11.42
N ILE A 173 1.21 -21.47 10.45
CA ILE A 173 0.97 -22.66 9.63
C ILE A 173 1.82 -22.51 8.38
N ASN A 174 2.70 -23.48 8.11
CA ASN A 174 3.68 -23.26 7.06
C ASN A 174 3.92 -24.48 6.17
N GLY A 175 3.13 -25.53 6.39
CA GLY A 175 3.21 -26.71 5.55
C GLY A 175 4.29 -27.73 5.92
N GLU A 176 5.13 -27.39 6.90
N GLU A 176 5.14 -27.38 6.88
CA GLU A 176 6.29 -28.22 7.22
CA GLU A 176 6.28 -28.22 7.22
C GLU A 176 5.91 -29.60 7.72
C GLU A 176 5.86 -29.63 7.63
N ASN A 177 4.70 -29.75 8.26
CA ASN A 177 4.25 -31.04 8.75
C ASN A 177 3.36 -31.85 7.78
N ILE A 178 3.24 -31.37 6.54
CA ILE A 178 2.49 -32.10 5.53
C ILE A 178 3.26 -33.36 5.17
N LYS A 179 2.52 -34.47 5.00
N LYS A 179 2.53 -34.46 4.98
CA LYS A 179 3.14 -35.75 4.65
CA LYS A 179 3.15 -35.73 4.63
C LYS A 179 2.34 -36.45 3.58
C LYS A 179 2.33 -36.46 3.59
N GLU A 180 2.98 -37.43 2.95
CA GLU A 180 2.31 -38.29 1.99
C GLU A 180 1.04 -38.87 2.62
N GLY A 181 -0.07 -38.81 1.90
CA GLY A 181 -1.33 -39.36 2.40
C GLY A 181 -2.25 -38.34 3.05
N ASP A 182 -1.73 -37.14 3.37
CA ASP A 182 -2.60 -36.06 3.80
C ASP A 182 -3.61 -35.75 2.69
N ILE A 183 -4.73 -35.14 3.06
CA ILE A 183 -5.81 -34.88 2.13
C ILE A 183 -5.82 -33.41 1.73
N VAL A 184 -6.19 -33.12 0.46
CA VAL A 184 -6.35 -31.75 0.00
C VAL A 184 -7.85 -31.48 -0.01
N PHE A 185 -8.25 -30.45 0.74
CA PHE A 185 -9.63 -29.95 0.73
C PHE A 185 -9.66 -28.63 -0.01
N GLY A 186 -10.82 -28.29 -0.56
CA GLY A 186 -10.95 -27.03 -1.27
C GLY A 186 -12.19 -26.28 -0.83
N LEU A 187 -12.09 -24.94 -0.81
CA LEU A 187 -13.28 -24.11 -0.59
C LEU A 187 -13.60 -23.41 -1.89
N SER A 188 -14.88 -23.40 -2.27
CA SER A 188 -15.27 -22.80 -3.54
C SER A 188 -14.91 -21.32 -3.66
N SER A 189 -14.64 -20.90 -4.90
CA SER A 189 -14.53 -19.48 -5.24
C SER A 189 -15.87 -18.97 -5.73
N SER A 190 -15.95 -17.66 -5.93
CA SER A 190 -17.16 -17.02 -6.43
C SER A 190 -17.09 -16.79 -7.95
N GLY A 191 -16.02 -17.23 -8.56
CA GLY A 191 -15.73 -16.89 -9.95
C GLY A 191 -14.24 -16.75 -10.08
N LEU A 192 -13.80 -15.84 -10.93
CA LEU A 192 -12.34 -15.72 -11.22
C LEU A 192 -11.59 -15.13 -10.04
N HIS A 193 -12.30 -14.48 -9.14
CA HIS A 193 -11.65 -13.80 -8.01
C HIS A 193 -10.84 -12.60 -8.51
N THR A 194 -9.51 -12.63 -8.44
CA THR A 194 -8.73 -11.50 -8.96
C THR A 194 -7.52 -11.94 -9.78
N ASN A 195 -7.68 -13.03 -10.51
CA ASN A 195 -6.63 -13.48 -11.42
C ASN A 195 -7.25 -14.04 -12.68
N GLY A 196 -6.53 -13.89 -13.78
CA GLY A 196 -6.97 -14.40 -15.06
C GLY A 196 -7.79 -13.40 -15.87
N TYR A 197 -7.82 -12.13 -15.44
CA TYR A 197 -8.67 -11.15 -16.10
C TYR A 197 -8.13 -10.68 -17.44
N SER A 198 -6.80 -10.71 -17.60
N SER A 198 -6.81 -10.72 -17.62
CA SER A 198 -6.22 -10.38 -18.90
CA SER A 198 -6.23 -10.36 -18.91
C SER A 198 -6.73 -11.39 -19.92
C SER A 198 -6.56 -11.41 -19.98
N PHE A 199 -6.67 -12.66 -19.53
CA PHE A 199 -7.11 -13.76 -20.39
C PHE A 199 -8.62 -13.60 -20.62
N ALA A 200 -9.38 -13.35 -19.54
CA ALA A 200 -10.83 -13.24 -19.64
C ALA A 200 -11.27 -12.11 -20.56
N ARG A 201 -10.64 -10.94 -20.42
CA ARG A 201 -11.02 -9.80 -21.25
C ARG A 201 -10.69 -10.09 -22.70
N LYS A 202 -9.56 -10.77 -22.95
CA LYS A 202 -9.20 -11.12 -24.32
C LYS A 202 -10.28 -12.04 -24.92
N LEU A 203 -10.68 -13.06 -24.16
CA LEU A 203 -11.69 -14.00 -24.66
C LEU A 203 -13.07 -13.37 -24.92
N PHE A 204 -13.56 -12.59 -23.96
CA PHE A 204 -14.94 -12.09 -24.10
C PHE A 204 -15.05 -10.91 -25.04
N PHE A 205 -14.13 -9.96 -24.91
CA PHE A 205 -14.30 -8.70 -25.59
C PHE A 205 -13.53 -8.62 -26.91
N ASP A 206 -12.53 -9.48 -27.09
CA ASP A 206 -11.79 -9.52 -28.35
C ASP A 206 -12.18 -10.73 -29.21
N VAL A 207 -11.95 -11.93 -28.68
CA VAL A 207 -12.27 -13.15 -29.44
C VAL A 207 -13.78 -13.28 -29.73
N ALA A 208 -14.61 -13.25 -28.69
CA ALA A 208 -16.05 -13.41 -28.86
C ALA A 208 -16.71 -12.13 -29.33
N GLY A 209 -16.05 -11.01 -29.08
CA GLY A 209 -16.62 -9.72 -29.42
C GLY A 209 -17.89 -9.38 -28.66
N ASN A 210 -18.08 -9.95 -27.47
CA ASN A 210 -19.26 -9.59 -26.68
C ASN A 210 -19.19 -8.20 -26.07
N LYS A 211 -20.34 -7.67 -25.67
N LYS A 211 -20.36 -7.68 -25.69
CA LYS A 211 -20.37 -6.51 -24.80
CA LYS A 211 -20.46 -6.53 -24.80
C LYS A 211 -20.69 -7.00 -23.39
C LYS A 211 -20.55 -7.07 -23.38
N HIS A 212 -20.25 -6.24 -22.38
CA HIS A 212 -20.38 -6.68 -21.00
C HIS A 212 -21.82 -6.92 -20.59
N THR A 213 -22.75 -6.31 -21.33
CA THR A 213 -24.18 -6.47 -21.06
C THR A 213 -24.80 -7.73 -21.66
N ASP A 214 -24.05 -8.45 -22.48
CA ASP A 214 -24.53 -9.70 -23.09
C ASP A 214 -24.55 -10.82 -22.03
N THR A 215 -25.24 -11.90 -22.33
CA THR A 215 -25.17 -13.08 -21.49
C THR A 215 -25.24 -14.33 -22.36
N TYR A 216 -25.07 -15.48 -21.72
CA TYR A 216 -25.17 -16.79 -22.39
C TYR A 216 -26.07 -17.65 -21.53
N PRO A 217 -26.76 -18.64 -22.12
CA PRO A 217 -27.65 -19.49 -21.31
C PRO A 217 -26.95 -20.10 -20.10
N GLU A 218 -25.68 -20.47 -20.22
CA GLU A 218 -25.02 -21.12 -19.09
C GLU A 218 -24.65 -20.17 -17.94
N LEU A 219 -24.73 -18.86 -18.16
CA LEU A 219 -24.46 -17.90 -17.08
C LEU A 219 -25.73 -17.63 -16.28
N GLU A 220 -26.81 -18.33 -16.61
N GLU A 220 -26.80 -18.32 -16.68
CA GLU A 220 -28.02 -18.28 -15.79
CA GLU A 220 -28.13 -18.11 -16.13
C GLU A 220 -28.55 -16.86 -15.57
C GLU A 220 -28.62 -16.71 -16.48
N GLY A 221 -28.67 -16.11 -16.66
N GLY A 221 -29.09 -15.98 -15.48
CA GLY A 221 -29.29 -14.80 -16.64
CA GLY A 221 -29.62 -14.66 -15.76
C GLY A 221 -28.34 -13.64 -16.46
C GLY A 221 -28.61 -13.54 -15.74
N LYS A 222 -27.32 -13.85 -15.63
CA LYS A 222 -26.35 -12.79 -15.30
C LYS A 222 -25.52 -12.29 -16.47
N THR A 223 -25.30 -10.98 -16.52
CA THR A 223 -24.48 -10.44 -17.61
C THR A 223 -23.02 -10.88 -17.45
N ILE A 224 -22.28 -10.87 -18.54
CA ILE A 224 -20.85 -11.19 -18.48
C ILE A 224 -20.17 -10.26 -17.48
N GLY A 225 -20.49 -8.96 -17.56
CA GLY A 225 -19.88 -8.01 -16.63
C GLY A 225 -20.13 -8.37 -15.17
N ASP A 226 -21.38 -8.67 -14.84
CA ASP A 226 -21.72 -8.99 -13.46
C ASP A 226 -21.09 -10.29 -12.97
N VAL A 227 -21.06 -11.32 -13.83
CA VAL A 227 -20.35 -12.55 -13.47
C VAL A 227 -18.88 -12.28 -13.22
N LEU A 228 -18.25 -11.53 -14.10
CA LEU A 228 -16.83 -11.19 -13.92
C LEU A 228 -16.59 -10.38 -12.69
N LEU A 229 -17.57 -9.55 -12.29
CA LEU A 229 -17.34 -8.65 -11.15
C LEU A 229 -17.73 -9.21 -9.77
N GLU A 230 -18.15 -10.47 -9.68
CA GLU A 230 -18.46 -11.03 -8.36
C GLU A 230 -17.20 -10.95 -7.49
N PRO A 231 -17.38 -10.60 -6.22
CA PRO A 231 -16.18 -10.27 -5.44
C PRO A 231 -15.39 -11.50 -4.97
N HIS A 232 -14.07 -11.33 -4.91
CA HIS A 232 -13.14 -12.32 -4.36
C HIS A 232 -13.60 -12.67 -2.95
N ILE A 233 -13.83 -13.95 -2.70
CA ILE A 233 -14.34 -14.37 -1.39
C ILE A 233 -13.32 -14.10 -0.30
N ASN A 234 -13.80 -13.62 0.85
CA ASN A 234 -12.94 -13.43 2.02
C ASN A 234 -13.00 -14.67 2.91
N TYR A 235 -11.90 -15.43 3.01
CA TYR A 235 -11.91 -16.70 3.74
C TYR A 235 -11.57 -16.56 5.22
N THR A 236 -11.40 -15.33 5.69
CA THR A 236 -10.96 -15.11 7.06
C THR A 236 -11.81 -15.86 8.09
N ASN A 237 -13.12 -15.68 8.00
CA ASN A 237 -13.99 -16.18 9.06
C ASN A 237 -14.07 -17.70 9.10
N ILE A 238 -14.16 -18.35 7.94
CA ILE A 238 -14.27 -19.80 7.95
C ILE A 238 -12.97 -20.44 8.41
N ILE A 239 -11.83 -19.87 7.98
CA ILE A 239 -10.55 -20.42 8.42
C ILE A 239 -10.38 -20.22 9.94
N HIS A 240 -10.74 -19.04 10.45
CA HIS A 240 -10.71 -18.82 11.91
C HIS A 240 -11.61 -19.79 12.66
N ASP A 241 -12.78 -20.08 12.09
CA ASP A 241 -13.73 -21.02 12.69
C ASP A 241 -13.08 -22.41 12.80
N PHE A 242 -12.47 -22.87 11.71
CA PHE A 242 -11.79 -24.14 11.70
C PHE A 242 -10.69 -24.17 12.78
N LEU A 243 -9.84 -23.16 12.79
CA LEU A 243 -8.65 -23.16 13.67
C LEU A 243 -9.05 -23.04 15.15
N ASP A 244 -10.03 -22.19 15.40
CA ASP A 244 -10.50 -21.95 16.77
C ASP A 244 -11.19 -23.19 17.34
N ASN A 245 -11.70 -24.05 16.46
CA ASN A 245 -12.46 -25.20 16.91
C ASN A 245 -11.70 -26.51 16.70
N GLY A 246 -10.38 -26.40 16.60
CA GLY A 246 -9.55 -27.58 16.74
C GLY A 246 -9.21 -28.32 15.47
N VAL A 247 -9.57 -27.78 14.31
CA VAL A 247 -9.17 -28.45 13.07
C VAL A 247 -7.65 -28.33 12.93
N ASP A 248 -7.00 -29.47 12.75
CA ASP A 248 -5.54 -29.54 12.64
CA ASP A 248 -5.55 -29.53 12.63
C ASP A 248 -5.11 -29.26 11.19
N ILE A 249 -5.03 -27.99 10.83
CA ILE A 249 -4.65 -27.61 9.46
C ILE A 249 -3.13 -27.62 9.33
N LYS A 250 -2.63 -28.38 8.36
N LYS A 250 -2.64 -28.40 8.38
CA LYS A 250 -1.19 -28.53 8.16
CA LYS A 250 -1.20 -28.54 8.15
C LYS A 250 -0.63 -27.59 7.09
C LYS A 250 -0.66 -27.50 7.18
N GLY A 251 -1.49 -27.07 6.23
CA GLY A 251 -1.04 -26.07 5.27
C GLY A 251 -2.22 -25.53 4.48
N MSE A 252 -2.05 -24.35 3.88
CA MSE A 252 -3.09 -23.78 3.03
C MSE A 252 -2.43 -23.12 1.84
O MSE A 252 -1.32 -22.56 1.96
CB MSE A 252 -3.93 -22.74 3.80
CG MSE A 252 -4.85 -23.36 4.82
SE MSE A 252 -5.90 -22.02 5.79
CE MSE A 252 -4.76 -21.82 7.35
N ALA A 253 -3.13 -23.13 0.72
CA ALA A 253 -2.68 -22.40 -0.45
C ALA A 253 -3.85 -21.61 -1.05
N HIS A 254 -3.68 -20.30 -1.09
CA HIS A 254 -4.64 -19.39 -1.68
C HIS A 254 -4.43 -19.42 -3.20
N ILE A 255 -5.50 -19.73 -3.95
CA ILE A 255 -5.36 -20.05 -5.37
C ILE A 255 -5.48 -18.77 -6.18
N THR A 256 -4.32 -18.20 -6.52
CA THR A 256 -4.27 -16.89 -7.18
C THR A 256 -3.52 -17.05 -8.49
N GLY A 257 -2.54 -16.19 -8.76
CA GLY A 257 -1.84 -16.23 -10.03
C GLY A 257 -1.21 -17.60 -10.25
N GLY A 258 -1.45 -18.20 -11.40
CA GLY A 258 -0.84 -19.49 -11.68
C GLY A 258 -1.70 -20.67 -11.26
N GLY A 259 -2.83 -20.39 -10.61
CA GLY A 259 -3.79 -21.42 -10.25
C GLY A 259 -3.26 -22.50 -9.31
N PHE A 260 -3.86 -23.70 -9.40
CA PHE A 260 -3.43 -24.82 -8.57
C PHE A 260 -1.94 -25.12 -8.83
N ILE A 261 -1.56 -25.01 -10.10
CA ILE A 261 -0.25 -25.47 -10.57
C ILE A 261 0.89 -24.72 -9.91
N GLU A 262 0.74 -23.40 -9.79
CA GLU A 262 1.74 -22.59 -9.13
C GLU A 262 1.64 -22.64 -7.61
N ASN A 263 0.41 -22.57 -7.10
CA ASN A 263 0.23 -22.28 -5.69
C ASN A 263 0.26 -23.45 -4.72
N ILE A 264 -0.18 -24.63 -5.17
CA ILE A 264 -0.19 -25.78 -4.27
C ILE A 264 1.26 -26.22 -3.96
N PRO A 265 2.11 -26.36 -4.98
CA PRO A 265 3.50 -26.76 -4.68
C PRO A 265 4.23 -25.82 -3.72
N ARG A 266 3.90 -24.54 -3.70
CA ARG A 266 4.61 -23.64 -2.82
C ARG A 266 4.48 -23.99 -1.34
N VAL A 267 3.39 -24.64 -0.95
CA VAL A 267 3.20 -24.94 0.46
C VAL A 267 3.58 -26.39 0.79
N LEU A 268 3.94 -27.16 -0.24
CA LEU A 268 4.37 -28.54 -0.01
C LEU A 268 5.85 -28.66 0.30
N PRO A 269 6.21 -29.45 1.30
CA PRO A 269 7.63 -29.78 1.52
C PRO A 269 8.22 -30.28 0.21
N GLN A 270 9.45 -29.85 -0.07
N GLN A 270 9.45 -29.83 -0.09
CA GLN A 270 10.13 -30.18 -1.32
CA GLN A 270 10.04 -30.13 -1.38
C GLN A 270 10.06 -31.68 -1.62
C GLN A 270 10.09 -31.63 -1.64
N GLY A 271 9.61 -32.04 -2.81
CA GLY A 271 9.54 -33.45 -3.15
C GLY A 271 8.13 -33.99 -3.15
N LEU A 272 7.28 -33.47 -2.27
CA LEU A 272 5.92 -33.97 -2.23
C LEU A 272 5.14 -33.45 -3.43
N GLY A 273 4.11 -34.17 -3.81
CA GLY A 273 3.23 -33.76 -4.89
C GLY A 273 1.79 -33.78 -4.44
N ALA A 274 0.90 -33.51 -5.39
CA ALA A 274 -0.55 -33.51 -5.10
C ALA A 274 -1.28 -34.16 -6.25
N GLN A 275 -2.31 -34.93 -5.90
CA GLN A 275 -3.20 -35.47 -6.90
C GLN A 275 -4.55 -34.81 -6.66
N ILE A 276 -5.10 -34.19 -7.69
CA ILE A 276 -6.37 -33.44 -7.59
C ILE A 276 -7.41 -34.10 -8.48
N ASP A 277 -8.56 -34.43 -7.90
CA ASP A 277 -9.66 -34.99 -8.66
C ASP A 277 -10.51 -33.84 -9.17
N LYS A 278 -10.37 -33.52 -10.45
CA LYS A 278 -10.95 -32.30 -10.98
C LYS A 278 -12.47 -32.34 -10.95
N ASP A 279 -13.03 -33.56 -10.89
CA ASP A 279 -14.50 -33.64 -10.89
C ASP A 279 -15.08 -33.75 -9.48
N SER A 280 -14.27 -33.51 -8.46
CA SER A 280 -14.75 -33.54 -7.07
C SER A 280 -15.34 -32.21 -6.60
N PHE A 281 -15.18 -31.15 -7.40
CA PHE A 281 -15.69 -29.83 -7.04
C PHE A 281 -16.35 -29.22 -8.28
N ALA A 282 -17.33 -28.34 -8.08
CA ALA A 282 -17.97 -27.70 -9.20
C ALA A 282 -17.05 -26.65 -9.82
N THR A 283 -17.05 -26.57 -11.14
CA THR A 283 -16.38 -25.47 -11.86
C THR A 283 -17.49 -24.55 -12.39
N PRO A 284 -17.51 -23.30 -11.91
CA PRO A 284 -18.53 -22.36 -12.36
C PRO A 284 -18.57 -22.23 -13.88
N ALA A 285 -19.77 -22.01 -14.36
CA ALA A 285 -20.02 -21.92 -15.79
C ALA A 285 -19.12 -20.94 -16.53
N ILE A 286 -18.78 -19.82 -15.91
CA ILE A 286 -17.93 -18.83 -16.57
CA ILE A 286 -17.93 -18.84 -16.58
C ILE A 286 -16.62 -19.46 -17.09
N PHE A 287 -16.05 -20.40 -16.35
CA PHE A 287 -14.82 -21.04 -16.80
C PHE A 287 -15.08 -21.97 -17.99
N LYS A 288 -16.18 -22.72 -17.94
CA LYS A 288 -16.55 -23.61 -19.05
C LYS A 288 -16.85 -22.79 -20.31
N LEU A 289 -17.47 -21.64 -20.11
CA LEU A 289 -17.78 -20.75 -21.23
C LEU A 289 -16.51 -20.20 -21.88
N MSE A 290 -15.58 -19.72 -21.05
CA MSE A 290 -14.29 -19.23 -21.57
C MSE A 290 -13.55 -20.34 -22.31
O MSE A 290 -13.01 -20.10 -23.38
CB MSE A 290 -13.44 -18.65 -20.42
CG MSE A 290 -14.02 -17.33 -19.90
SE MSE A 290 -12.86 -16.44 -18.63
CE MSE A 290 -12.80 -17.82 -17.23
N GLN A 291 -13.54 -21.55 -21.76
N GLN A 291 -13.54 -21.55 -21.75
CA GLN A 291 -12.82 -22.63 -22.45
CA GLN A 291 -12.90 -22.67 -22.41
C GLN A 291 -13.46 -22.96 -23.80
C GLN A 291 -13.45 -22.83 -23.82
N ARG A 292 -14.77 -22.81 -23.91
CA ARG A 292 -15.44 -23.03 -25.19
C ARG A 292 -15.17 -21.91 -26.21
N ILE A 293 -15.21 -20.66 -25.76
N ILE A 293 -15.20 -20.66 -25.76
CA ILE A 293 -14.96 -19.51 -26.64
CA ILE A 293 -14.98 -19.54 -26.66
C ILE A 293 -13.57 -19.61 -27.26
C ILE A 293 -13.56 -19.54 -27.24
N GLY A 294 -12.60 -20.00 -26.43
CA GLY A 294 -11.21 -20.04 -26.87
C GLY A 294 -10.69 -21.38 -27.35
N ASP A 295 -11.52 -22.42 -27.24
CA ASP A 295 -11.11 -23.82 -27.44
C ASP A 295 -9.83 -24.06 -26.66
N ILE A 296 -9.88 -23.73 -25.38
CA ILE A 296 -8.68 -23.71 -24.54
C ILE A 296 -8.39 -25.10 -23.95
N SER A 297 -7.12 -25.52 -23.93
CA SER A 297 -6.79 -26.82 -23.34
C SER A 297 -7.00 -26.80 -21.84
N GLU A 298 -7.15 -27.98 -21.24
CA GLU A 298 -7.31 -28.08 -19.79
CA GLU A 298 -7.35 -28.02 -19.80
C GLU A 298 -6.12 -27.46 -19.09
N PHE A 299 -4.93 -27.75 -19.62
CA PHE A 299 -3.73 -27.17 -19.03
C PHE A 299 -3.75 -25.65 -19.02
N GLU A 300 -4.06 -25.04 -20.15
CA GLU A 300 -4.08 -23.58 -20.21
C GLU A 300 -5.13 -22.98 -19.27
N MSE A 301 -6.25 -23.67 -19.08
CA MSE A 301 -7.25 -23.22 -18.12
C MSE A 301 -6.71 -23.26 -16.69
O MSE A 301 -6.78 -22.26 -15.95
CB MSE A 301 -8.54 -24.05 -18.21
CG MSE A 301 -9.30 -23.88 -19.52
SE MSE A 301 -9.97 -22.07 -19.83
CE MSE A 301 -11.27 -21.95 -18.37
N TYR A 302 -6.19 -24.41 -16.28
CA TYR A 302 -5.68 -24.54 -14.91
C TYR A 302 -4.46 -23.64 -14.62
N ARG A 303 -3.77 -23.23 -15.67
N ARG A 303 -3.77 -23.22 -15.67
CA ARG A 303 -2.61 -22.36 -15.54
CA ARG A 303 -2.60 -22.37 -15.53
C ARG A 303 -3.00 -20.95 -15.08
C ARG A 303 -2.97 -20.92 -15.13
N SER A 304 -4.17 -20.49 -15.51
CA SER A 304 -4.61 -19.12 -15.22
C SER A 304 -5.73 -19.00 -14.19
N PHE A 305 -6.59 -20.00 -14.12
CA PHE A 305 -7.86 -19.83 -13.41
C PHE A 305 -7.98 -20.74 -12.19
N ASN A 306 -8.74 -20.31 -11.19
CA ASN A 306 -8.92 -21.15 -10.00
C ASN A 306 -9.88 -22.31 -10.23
N MSE A 307 -10.64 -22.24 -11.32
CA MSE A 307 -11.54 -23.32 -11.76
C MSE A 307 -12.60 -23.69 -10.74
O MSE A 307 -13.22 -24.75 -10.83
CB MSE A 307 -10.74 -24.57 -12.21
CG MSE A 307 -9.75 -24.27 -13.34
SE MSE A 307 -10.65 -23.64 -14.94
CE MSE A 307 -11.32 -25.33 -15.64
N GLY A 308 -12.83 -22.80 -9.76
CA GLY A 308 -13.89 -23.04 -8.82
C GLY A 308 -13.42 -23.25 -7.38
N ILE A 309 -12.11 -23.33 -7.18
CA ILE A 309 -11.56 -23.44 -5.81
C ILE A 309 -10.66 -22.25 -5.47
N GLY A 310 -11.07 -21.44 -4.49
CA GLY A 310 -10.29 -20.24 -4.17
C GLY A 310 -9.25 -20.47 -3.08
N MSE A 311 -9.47 -21.49 -2.26
N MSE A 311 -9.47 -21.49 -2.25
CA MSE A 311 -8.62 -21.79 -1.10
CA MSE A 311 -8.54 -21.78 -1.18
C MSE A 311 -8.46 -23.29 -0.94
C MSE A 311 -8.45 -23.27 -0.94
O MSE A 311 -9.43 -24.03 -1.02
O MSE A 311 -9.45 -23.97 -0.95
CB MSE A 311 -9.24 -21.19 0.16
CB MSE A 311 -8.95 -21.06 0.11
CG MSE A 311 -8.43 -21.44 1.45
CG MSE A 311 -8.11 -21.47 1.31
SE MSE A 311 -6.64 -20.64 1.49
SE MSE A 311 -8.28 -20.26 2.82
CE MSE A 311 -7.15 -18.74 1.61
CE MSE A 311 -7.31 -18.72 2.14
N THR A 312 -7.23 -23.76 -0.74
CA THR A 312 -7.03 -25.18 -0.46
C THR A 312 -6.51 -25.30 0.95
N ILE A 313 -6.88 -26.41 1.58
CA ILE A 313 -6.49 -26.72 2.95
C ILE A 313 -5.98 -28.15 2.95
N ILE A 314 -4.80 -28.37 3.53
CA ILE A 314 -4.22 -29.70 3.65
C ILE A 314 -4.28 -30.15 5.12
N ALA A 315 -4.88 -31.31 5.34
CA ALA A 315 -5.06 -31.87 6.68
C ALA A 315 -5.27 -33.37 6.56
N SER A 316 -5.22 -34.07 7.69
N SER A 316 -5.19 -34.08 7.69
CA SER A 316 -5.48 -35.50 7.70
CA SER A 316 -5.43 -35.52 7.64
C SER A 316 -6.94 -35.79 7.35
C SER A 316 -6.90 -35.81 7.37
N GLN A 317 -7.17 -36.97 6.77
CA GLN A 317 -8.53 -37.37 6.43
C GLN A 317 -9.47 -37.26 7.62
N ASP A 318 -8.97 -37.56 8.81
CA ASP A 318 -9.89 -37.57 9.95
C ASP A 318 -10.31 -36.18 10.45
N GLN A 319 -9.86 -35.12 9.78
CA GLN A 319 -10.32 -33.77 10.09
C GLN A 319 -11.59 -33.38 9.31
N PHE A 320 -11.96 -34.18 8.32
CA PHE A 320 -13.02 -33.76 7.39
C PHE A 320 -14.37 -33.62 8.06
N ASP A 321 -14.70 -34.58 8.94
CA ASP A 321 -15.98 -34.54 9.63
C ASP A 321 -16.18 -33.22 10.38
N LYS A 322 -15.18 -32.84 11.19
CA LYS A 322 -15.26 -31.58 11.94
CA LYS A 322 -15.27 -31.58 11.93
C LYS A 322 -15.36 -30.39 10.98
N MSE A 323 -14.57 -30.41 9.91
CA MSE A 323 -14.57 -29.29 8.96
C MSE A 323 -15.95 -29.16 8.32
O MSE A 323 -16.45 -28.06 8.14
CB MSE A 323 -13.49 -29.48 7.87
CG MSE A 323 -12.10 -29.61 8.44
SE MSE A 323 -10.82 -30.13 7.06
CE MSE A 323 -10.93 -28.50 6.10
N GLN A 324 -16.56 -30.28 7.92
CA GLN A 324 -17.88 -30.18 7.31
C GLN A 324 -18.90 -29.62 8.28
N GLU A 325 -18.85 -30.03 9.53
CA GLU A 325 -19.80 -29.51 10.51
C GLU A 325 -19.62 -28.00 10.68
N LEU A 326 -18.37 -27.56 10.79
CA LEU A 326 -18.10 -26.14 11.01
C LEU A 326 -18.42 -25.30 9.78
N ALA A 327 -18.29 -25.89 8.60
CA ALA A 327 -18.48 -25.13 7.38
C ALA A 327 -19.95 -24.76 7.12
N LYS A 328 -20.88 -25.53 7.70
CA LYS A 328 -22.30 -25.35 7.42
C LYS A 328 -22.79 -23.89 7.55
N LYS A 329 -22.34 -23.22 8.60
CA LYS A 329 -22.79 -21.84 8.85
C LYS A 329 -22.24 -20.82 7.85
N HIS A 330 -21.21 -21.19 7.11
CA HIS A 330 -20.55 -20.24 6.22
C HIS A 330 -21.14 -20.44 4.84
N THR A 331 -22.11 -19.63 4.51
CA THR A 331 -22.92 -19.92 3.34
C THR A 331 -22.39 -19.25 2.07
N ASN A 332 -21.25 -18.58 2.18
CA ASN A 332 -20.67 -17.90 1.00
CA ASN A 332 -20.60 -17.86 1.10
C ASN A 332 -19.65 -18.78 0.29
N THR A 333 -19.37 -19.94 0.84
CA THR A 333 -18.38 -20.84 0.24
C THR A 333 -18.80 -22.29 0.55
N LYS A 334 -18.34 -23.22 -0.27
CA LYS A 334 -18.68 -24.62 -0.10
C LYS A 334 -17.38 -25.43 0.07
N LEU A 335 -17.40 -26.41 0.97
CA LEU A 335 -16.24 -27.24 1.24
C LEU A 335 -16.32 -28.57 0.44
N TYR A 336 -15.21 -28.95 -0.20
CA TYR A 336 -15.10 -30.21 -0.91
C TYR A 336 -13.82 -30.90 -0.49
N GLN A 337 -13.81 -32.23 -0.60
CA GLN A 337 -12.56 -32.99 -0.51
C GLN A 337 -12.09 -33.23 -1.94
N ILE A 338 -10.91 -32.73 -2.27
CA ILE A 338 -10.55 -32.64 -3.69
C ILE A 338 -9.30 -33.40 -4.14
N GLY A 339 -8.55 -33.98 -3.20
CA GLY A 339 -7.30 -34.62 -3.61
C GLY A 339 -6.46 -35.16 -2.47
N LYS A 340 -5.20 -35.47 -2.73
CA LYS A 340 -4.34 -36.02 -1.69
C LYS A 340 -2.90 -35.71 -2.00
N ILE A 341 -2.06 -35.82 -0.98
CA ILE A 341 -0.64 -35.54 -1.09
C ILE A 341 0.11 -36.84 -1.41
N THR A 342 1.05 -36.75 -2.34
CA THR A 342 1.78 -37.90 -2.86
C THR A 342 3.27 -37.58 -2.75
N ASN A 343 4.11 -38.53 -3.16
CA ASN A 343 5.54 -38.24 -3.29
C ASN A 343 5.96 -38.10 -4.76
N SER A 344 5.04 -37.57 -5.57
CA SER A 344 5.28 -37.44 -7.01
C SER A 344 6.08 -36.22 -7.41
N GLY A 345 6.28 -35.27 -6.49
CA GLY A 345 7.02 -34.06 -6.82
C GLY A 345 6.32 -33.13 -7.81
N LYS A 346 5.05 -33.40 -8.11
CA LYS A 346 4.33 -32.61 -9.13
C LYS A 346 2.83 -32.58 -8.89
N VAL A 347 2.09 -31.87 -9.73
CA VAL A 347 0.63 -31.82 -9.62
C VAL A 347 0.06 -32.73 -10.68
N GLU A 348 -0.80 -33.64 -10.25
CA GLU A 348 -1.49 -34.50 -11.20
CA GLU A 348 -1.50 -34.55 -11.17
C GLU A 348 -2.98 -34.26 -11.07
N ILE A 349 -3.60 -33.97 -12.21
CA ILE A 349 -5.04 -33.72 -12.24
C ILE A 349 -5.73 -34.89 -12.93
N ILE A 350 -6.64 -35.55 -12.23
CA ILE A 350 -7.36 -36.67 -12.81
C ILE A 350 -8.87 -36.40 -12.89
N SER B 1 0.09 -32.81 -26.14
CA SER B 1 -0.81 -32.61 -25.01
C SER B 1 -0.58 -31.24 -24.39
N ASN B 2 -1.60 -30.72 -23.71
CA ASN B 2 -1.50 -29.46 -22.95
C ASN B 2 -1.12 -28.26 -23.81
N ALA B 3 -1.71 -28.17 -25.00
CA ALA B 3 -1.40 -27.09 -25.93
C ALA B 3 -1.81 -25.71 -25.41
N MSE B 4 -1.11 -24.68 -25.87
CA MSE B 4 -1.50 -23.29 -25.59
C MSE B 4 -2.21 -22.73 -26.82
O MSE B 4 -1.92 -23.15 -27.95
CB MSE B 4 -0.29 -22.44 -25.22
CG MSE B 4 0.44 -22.93 -23.98
SE MSE B 4 -0.45 -22.44 -22.32
CE MSE B 4 -0.38 -20.50 -22.48
N ALA B 5 -3.13 -21.79 -26.60
CA ALA B 5 -3.97 -21.30 -27.69
C ALA B 5 -3.26 -20.29 -28.60
N GLY B 6 -2.17 -19.69 -28.09
CA GLY B 6 -1.44 -18.67 -28.84
C GLY B 6 -2.07 -17.29 -28.75
N LEU B 7 -2.70 -17.00 -27.60
CA LEU B 7 -3.34 -15.71 -27.37
C LEU B 7 -2.43 -14.79 -26.56
N LYS B 8 -2.66 -13.48 -26.67
CA LYS B 8 -1.84 -12.52 -25.96
C LYS B 8 -2.47 -12.10 -24.64
N TYR B 9 -1.87 -12.49 -23.53
CA TYR B 9 -2.36 -12.12 -22.19
C TYR B 9 -1.31 -12.50 -21.18
N GLU B 10 -1.34 -11.89 -19.99
CA GLU B 10 -0.42 -12.24 -18.93
CA GLU B 10 -0.39 -12.19 -18.94
C GLU B 10 -0.97 -11.79 -17.59
N ASP B 11 -0.57 -12.50 -16.54
CA ASP B 11 -0.93 -12.11 -15.18
C ASP B 11 -0.29 -10.75 -14.90
N ALA B 12 -0.99 -9.90 -14.17
CA ALA B 12 -0.48 -8.59 -13.82
C ALA B 12 0.81 -8.70 -13.02
N GLY B 13 0.85 -9.69 -12.12
CA GLY B 13 1.95 -9.84 -11.19
C GLY B 13 3.04 -10.76 -11.67
N VAL B 14 3.05 -11.05 -12.97
CA VAL B 14 4.09 -11.85 -13.56
C VAL B 14 5.47 -11.45 -12.99
N ASN B 15 6.29 -12.45 -12.69
CA ASN B 15 7.61 -12.21 -12.12
C ASN B 15 8.66 -12.00 -13.19
N ILE B 16 9.81 -11.48 -12.80
CA ILE B 16 10.93 -11.33 -13.72
C ILE B 16 11.58 -12.69 -13.96
N GLU B 17 11.90 -12.97 -15.21
CA GLU B 17 12.43 -14.27 -15.63
C GLU B 17 13.48 -14.85 -14.69
N ALA B 18 13.47 -16.18 -14.58
CA ALA B 18 14.42 -16.88 -13.74
C ALA B 18 15.83 -16.75 -14.29
N GLY B 19 16.78 -16.37 -13.44
CA GLY B 19 18.16 -16.28 -13.84
C GLY B 19 18.63 -14.84 -14.03
N ASN B 20 17.70 -13.95 -14.34
CA ASN B 20 18.02 -12.52 -14.41
C ASN B 20 18.83 -12.15 -13.15
N GLN B 21 20.00 -11.58 -13.36
CA GLN B 21 20.85 -11.18 -12.25
C GLN B 21 20.11 -10.25 -11.28
N ALA B 22 19.02 -9.66 -11.76
CA ALA B 22 18.30 -8.63 -11.01
C ALA B 22 17.65 -9.17 -9.73
N VAL B 23 17.00 -10.32 -9.83
CA VAL B 23 16.24 -10.84 -8.69
C VAL B 23 17.11 -11.18 -7.49
N GLU B 24 18.26 -11.78 -7.73
CA GLU B 24 19.19 -12.12 -6.65
C GLU B 24 19.81 -10.86 -6.07
N ARG B 25 20.15 -9.91 -6.93
CA ARG B 25 20.67 -8.64 -6.46
C ARG B 25 19.63 -7.98 -5.56
N MSE B 26 18.38 -7.99 -5.99
CA MSE B 26 17.31 -7.40 -5.18
C MSE B 26 17.18 -8.10 -3.85
O MSE B 26 17.03 -7.43 -2.82
CB MSE B 26 15.97 -7.40 -5.93
CG MSE B 26 15.93 -6.42 -7.06
SE MSE B 26 14.17 -6.51 -7.94
CE MSE B 26 14.44 -8.10 -8.99
N LYS B 27 17.25 -9.43 -3.84
CA LYS B 27 17.14 -10.15 -2.57
C LYS B 27 18.27 -9.77 -1.62
N GLN B 28 19.46 -9.58 -2.18
CA GLN B 28 20.59 -9.19 -1.38
C GLN B 28 20.40 -7.80 -0.78
N HIS B 29 19.82 -6.87 -1.54
CA HIS B 29 19.56 -5.53 -0.98
C HIS B 29 18.54 -5.65 0.15
N VAL B 30 17.51 -6.45 -0.09
CA VAL B 30 16.40 -6.55 0.87
C VAL B 30 16.89 -7.19 2.16
N LYS B 31 17.73 -8.22 2.06
CA LYS B 31 18.14 -8.90 3.28
C LYS B 31 19.00 -8.02 4.19
N LYS B 32 19.69 -7.03 3.63
CA LYS B 32 20.45 -6.10 4.47
C LYS B 32 19.56 -5.28 5.41
N THR B 33 18.26 -5.19 5.10
CA THR B 33 17.36 -4.42 5.96
C THR B 33 16.91 -5.19 7.21
N PHE B 34 17.18 -6.49 7.25
CA PHE B 34 16.59 -7.33 8.31
C PHE B 34 17.26 -7.05 9.65
N THR B 35 16.45 -6.87 10.69
CA THR B 35 16.92 -6.98 12.07
C THR B 35 16.78 -8.43 12.54
N GLN B 36 17.23 -8.72 13.76
CA GLN B 36 17.16 -10.08 14.30
C GLN B 36 15.73 -10.54 14.49
N ASP B 37 14.79 -9.62 14.39
CA ASP B 37 13.38 -9.93 14.66
C ASP B 37 12.62 -10.46 13.46
N VAL B 38 13.28 -10.50 12.30
CA VAL B 38 12.62 -10.91 11.06
C VAL B 38 12.59 -12.42 10.91
N LEU B 39 11.44 -12.96 10.49
CA LEU B 39 11.32 -14.39 10.20
C LEU B 39 11.01 -14.63 8.73
N THR B 40 11.20 -15.85 8.25
CA THR B 40 10.85 -16.13 6.86
C THR B 40 9.36 -15.94 6.63
N GLY B 41 8.98 -15.57 5.42
CA GLY B 41 7.57 -15.36 5.12
C GLY B 41 7.19 -16.07 3.84
N LEU B 42 6.28 -15.46 3.07
CA LEU B 42 5.78 -16.10 1.86
C LEU B 42 6.17 -15.34 0.59
N GLY B 43 6.54 -16.08 -0.44
CA GLY B 43 6.89 -15.46 -1.71
C GLY B 43 8.35 -15.05 -1.77
N SER B 44 8.79 -14.55 -2.92
CA SER B 44 10.20 -14.24 -3.10
C SER B 44 10.73 -13.22 -2.08
N PHE B 45 9.93 -12.20 -1.78
CA PHE B 45 10.38 -11.10 -0.91
C PHE B 45 9.62 -10.98 0.40
N GLY B 46 8.91 -12.03 0.79
CA GLY B 46 8.08 -11.98 1.99
C GLY B 46 8.83 -12.41 3.24
N SER B 47 8.68 -11.61 4.30
CA SER B 47 9.15 -11.95 5.63
C SER B 47 8.08 -11.60 6.63
N LEU B 48 8.27 -12.03 7.88
CA LEU B 48 7.36 -11.69 8.99
C LEU B 48 8.19 -10.99 10.04
N TYR B 49 7.52 -10.40 11.05
CA TYR B 49 8.23 -9.60 12.03
C TYR B 49 7.80 -9.97 13.46
N SER B 50 8.73 -10.55 14.22
CA SER B 50 8.45 -10.90 15.60
C SER B 50 8.41 -9.65 16.47
N LEU B 51 7.34 -9.51 17.23
CA LEU B 51 7.14 -8.31 18.04
C LEU B 51 7.74 -8.38 19.45
N LYS B 52 8.21 -9.56 19.83
CA LYS B 52 8.68 -9.80 21.20
C LYS B 52 9.62 -8.71 21.73
N ASN B 53 10.67 -8.38 20.99
CA ASN B 53 11.60 -7.37 21.48
C ASN B 53 11.05 -5.95 21.53
N ILE B 54 10.42 -5.52 20.44
CA ILE B 54 10.07 -4.12 20.33
C ILE B 54 9.02 -3.76 21.38
N ILE B 55 8.16 -4.70 21.74
CA ILE B 55 7.03 -4.37 22.61
C ILE B 55 7.32 -4.66 24.05
N ASN B 56 8.40 -5.40 24.30
N ASN B 56 8.39 -5.41 24.33
CA ASN B 56 8.86 -5.67 25.65
CA ASN B 56 8.80 -5.66 25.70
C ASN B 56 9.40 -4.39 26.28
C ASN B 56 8.68 -4.40 26.57
N ASN B 57 8.94 -3.26 25.75
N ASN B 57 8.98 -3.26 25.96
CA ASN B 57 9.32 -1.94 26.24
CA ASN B 57 9.05 -1.98 26.67
C ASN B 57 8.13 -0.99 26.18
C ASN B 57 7.70 -1.32 26.97
N TYR B 58 6.92 -1.52 26.40
N TYR B 58 6.74 -1.49 26.07
CA TYR B 58 5.70 -0.72 26.32
CA TYR B 58 5.52 -0.69 26.07
C TYR B 58 4.54 -1.40 27.05
C TYR B 58 4.33 -1.36 26.79
N ASP B 59 3.65 -0.60 27.64
CA ASP B 59 2.46 -1.13 28.32
C ASP B 59 1.28 -1.11 27.36
N ASP B 60 1.22 -0.09 26.51
CA ASP B 60 0.19 -0.06 25.49
C ASP B 60 0.92 0.33 24.21
N PRO B 61 1.58 -0.66 23.61
CA PRO B 61 2.18 -0.44 22.29
C PRO B 61 1.08 -0.20 21.30
N VAL B 62 1.28 0.84 20.49
CA VAL B 62 0.31 1.25 19.51
C VAL B 62 0.93 1.15 18.12
N LEU B 63 0.20 0.52 17.22
CA LEU B 63 0.63 0.39 15.83
C LEU B 63 0.26 1.66 15.06
N VAL B 64 1.22 2.24 14.34
CA VAL B 64 1.04 3.48 13.62
C VAL B 64 1.40 3.22 12.18
N GLN B 65 0.48 3.46 11.26
CA GLN B 65 0.71 3.08 9.87
C GLN B 65 0.32 4.17 8.90
N SER B 66 1.00 4.22 7.76
CA SER B 66 0.66 5.19 6.74
C SER B 66 1.07 4.67 5.37
N ILE B 67 0.33 5.07 4.34
CA ILE B 67 0.62 4.61 2.99
C ILE B 67 0.70 5.85 2.10
N ASP B 68 1.68 5.88 1.20
CA ASP B 68 1.96 7.08 0.43
CA ASP B 68 1.78 7.05 0.33
C ASP B 68 2.56 6.69 -0.92
N GLY B 69 2.40 7.53 -1.93
CA GLY B 69 3.09 7.29 -3.19
C GLY B 69 4.14 8.36 -3.41
N VAL B 70 5.05 8.10 -4.34
CA VAL B 70 6.10 9.06 -4.67
CA VAL B 70 6.08 9.08 -4.61
C VAL B 70 5.52 10.26 -5.40
N GLY B 71 4.67 10.00 -6.39
CA GLY B 71 4.13 11.08 -7.19
C GLY B 71 4.90 11.35 -8.46
N THR B 72 4.73 12.54 -9.03
CA THR B 72 5.22 12.80 -10.40
C THR B 72 6.75 12.97 -10.53
N LYS B 73 7.47 12.91 -9.41
CA LYS B 73 8.93 12.88 -9.47
C LYS B 73 9.40 11.70 -10.34
N THR B 74 8.58 10.65 -10.42
CA THR B 74 8.93 9.48 -11.23
C THR B 74 9.23 9.90 -12.68
N LYS B 75 8.47 10.86 -13.20
CA LYS B 75 8.63 11.28 -14.58
C LYS B 75 10.01 11.93 -14.81
N VAL B 76 10.49 12.64 -13.80
CA VAL B 76 11.80 13.26 -13.92
C VAL B 76 12.91 12.20 -13.85
N ALA B 77 12.75 11.24 -12.96
CA ALA B 77 13.72 10.15 -12.87
C ALA B 77 13.84 9.41 -14.21
N VAL B 78 12.69 9.15 -14.82
CA VAL B 78 12.64 8.45 -16.10
C VAL B 78 13.32 9.29 -17.18
N MSE B 79 13.02 10.58 -17.20
CA MSE B 79 13.62 11.48 -18.19
CA MSE B 79 13.63 11.47 -18.19
C MSE B 79 15.14 11.52 -18.05
O MSE B 79 15.87 11.53 -19.05
CB MSE B 79 13.03 12.88 -18.04
CB MSE B 79 13.08 12.89 -18.07
CG MSE B 79 12.66 13.55 -19.34
CG MSE B 79 13.95 13.91 -18.81
SE MSE B 79 12.30 15.43 -18.98
SE MSE B 79 13.51 15.71 -18.26
CE MSE B 79 14.08 15.94 -18.40
CE MSE B 79 11.58 15.47 -18.14
N CYS B 80 15.62 11.54 -16.81
CA CYS B 80 17.06 11.61 -16.55
C CYS B 80 17.77 10.27 -16.59
N GLY B 81 17.01 9.18 -16.58
CA GLY B 81 17.60 7.86 -16.50
C GLY B 81 18.34 7.61 -15.20
N LYS B 82 17.89 8.26 -14.12
CA LYS B 82 18.54 8.10 -12.83
CA LYS B 82 18.54 8.11 -12.82
C LYS B 82 17.50 7.72 -11.78
N PHE B 83 17.65 6.53 -11.22
CA PHE B 83 16.65 5.96 -10.34
C PHE B 83 17.22 5.66 -8.98
N GLU B 84 18.50 6.01 -8.83
N GLU B 84 18.49 5.96 -8.78
CA GLU B 84 19.33 5.67 -7.69
CA GLU B 84 19.12 5.72 -7.49
C GLU B 84 18.81 6.22 -6.38
C GLU B 84 18.27 6.28 -6.34
N ASN B 85 17.95 7.23 -6.45
N ASN B 85 18.00 7.57 -6.39
CA ASN B 85 17.44 7.93 -5.28
CA ASN B 85 17.35 8.25 -5.29
C ASN B 85 15.92 7.80 -5.13
C ASN B 85 15.84 8.09 -5.24
N LEU B 86 15.27 7.40 -6.22
CA LEU B 86 13.81 7.36 -6.28
C LEU B 86 13.22 6.32 -5.32
N GLY B 87 13.91 5.21 -5.12
CA GLY B 87 13.45 4.24 -4.14
C GLY B 87 13.57 4.80 -2.74
N TYR B 88 14.61 5.60 -2.53
CA TYR B 88 14.85 6.23 -1.24
C TYR B 88 13.76 7.28 -1.01
N ASP B 89 13.42 8.04 -2.06
CA ASP B 89 12.32 9.01 -2.02
C ASP B 89 11.05 8.37 -1.50
N LEU B 90 10.72 7.20 -2.04
CA LEU B 90 9.50 6.51 -1.66
C LEU B 90 9.46 6.21 -0.19
N PHE B 91 10.56 5.68 0.34
CA PHE B 91 10.64 5.36 1.75
C PHE B 91 10.40 6.59 2.61
N SER B 92 11.08 7.69 2.30
CA SER B 92 10.94 8.91 3.08
C SER B 92 9.53 9.50 2.98
N ALA B 93 8.96 9.46 1.78
CA ALA B 93 7.60 9.95 1.57
C ALA B 93 6.57 9.27 2.48
N ALA B 94 6.72 7.97 2.69
CA ALA B 94 5.81 7.24 3.59
C ALA B 94 6.20 7.43 5.07
N THR B 95 7.49 7.34 5.36
CA THR B 95 7.94 7.17 6.72
C THR B 95 7.88 8.45 7.57
N ASN B 96 8.23 9.56 6.95
CA ASN B 96 8.24 10.81 7.70
C ASN B 96 6.86 11.13 8.25
N ASP B 97 5.82 10.61 7.58
CA ASP B 97 4.48 10.88 8.03
CA ASP B 97 4.43 10.79 7.98
C ASP B 97 4.15 10.21 9.36
N ILE B 98 4.85 9.13 9.73
CA ILE B 98 4.60 8.56 11.06
C ILE B 98 5.64 9.00 12.08
N VAL B 99 6.78 9.47 11.60
CA VAL B 99 7.84 9.96 12.51
C VAL B 99 7.31 11.11 13.36
N VAL B 100 6.41 11.92 12.79
CA VAL B 100 5.86 13.08 13.48
C VAL B 100 5.06 12.72 14.73
N MSE B 101 4.59 11.48 14.80
N MSE B 101 4.55 11.50 14.83
CA MSE B 101 3.82 10.98 15.94
CA MSE B 101 3.81 11.16 16.04
C MSE B 101 4.69 10.55 17.11
C MSE B 101 4.69 10.50 17.11
O MSE B 101 4.20 10.23 18.19
O MSE B 101 4.18 10.02 18.12
CB MSE B 101 2.97 9.79 15.50
CB MSE B 101 2.58 10.29 15.72
CG MSE B 101 2.33 9.96 14.15
CG MSE B 101 1.43 11.07 15.14
SE MSE B 101 0.41 10.12 14.33
SE MSE B 101 0.15 9.86 14.34
CE MSE B 101 0.41 11.90 15.06
CE MSE B 101 1.30 9.18 12.93
N GLY B 102 6.00 10.51 16.87
CA GLY B 102 6.93 9.91 17.83
C GLY B 102 7.04 8.40 17.68
N ALA B 103 6.48 7.84 16.61
CA ALA B 103 6.57 6.40 16.39
C ALA B 103 7.96 5.96 15.94
N LYS B 104 8.29 4.72 16.27
CA LYS B 104 9.52 4.11 15.81
C LYS B 104 9.16 3.22 14.62
N PRO B 105 9.61 3.59 13.42
CA PRO B 105 9.28 2.74 12.26
C PRO B 105 9.90 1.35 12.39
N ILE B 106 9.16 0.31 12.01
CA ILE B 106 9.67 -1.05 12.08
C ILE B 106 9.59 -1.88 10.78
N THR B 107 8.54 -1.72 9.97
CA THR B 107 8.49 -2.51 8.73
C THR B 107 8.05 -1.65 7.56
N PHE B 108 8.41 -2.09 6.34
CA PHE B 108 8.05 -1.34 5.14
C PHE B 108 7.64 -2.37 4.08
N LEU B 109 6.59 -2.07 3.30
CA LEU B 109 6.29 -2.88 2.11
C LEU B 109 6.10 -1.93 0.93
N ASP B 110 6.30 -2.42 -0.29
CA ASP B 110 6.21 -1.55 -1.46
C ASP B 110 5.46 -2.20 -2.62
N TYR B 111 4.90 -1.34 -3.47
CA TYR B 111 4.21 -1.76 -4.68
C TYR B 111 4.69 -0.88 -5.80
N VAL B 112 5.10 -1.50 -6.91
CA VAL B 112 5.53 -0.72 -8.07
C VAL B 112 4.77 -1.23 -9.30
N ALA B 113 4.12 -0.31 -10.01
CA ALA B 113 3.30 -0.71 -11.15
C ALA B 113 3.71 0.12 -12.37
N HIS B 114 3.52 -0.45 -13.54
CA HIS B 114 3.97 0.22 -14.74
C HIS B 114 3.42 -0.47 -15.97
N ASP B 115 3.71 0.10 -17.14
CA ASP B 115 3.47 -0.62 -18.37
CA ASP B 115 3.50 -0.57 -18.40
C ASP B 115 4.61 -1.62 -18.53
N LYS B 116 5.74 -1.19 -19.08
CA LYS B 116 6.94 -2.01 -19.11
C LYS B 116 7.90 -1.41 -18.09
N LEU B 117 8.80 -2.21 -17.54
CA LEU B 117 9.89 -1.66 -16.73
C LEU B 117 11.10 -2.59 -16.76
N ASP B 118 12.22 -2.05 -17.21
CA ASP B 118 13.49 -2.78 -17.22
C ASP B 118 13.74 -3.36 -15.82
N PRO B 119 14.07 -4.66 -15.74
CA PRO B 119 14.43 -5.23 -14.43
C PRO B 119 15.60 -4.44 -13.82
N ALA B 120 16.44 -3.85 -14.66
CA ALA B 120 17.60 -3.12 -14.16
C ALA B 120 17.13 -1.91 -13.38
N ILE B 121 16.02 -1.32 -13.83
CA ILE B 121 15.46 -0.15 -13.16
C ILE B 121 14.85 -0.57 -11.84
N MSE B 122 14.10 -1.67 -11.86
N MSE B 122 14.06 -1.64 -11.91
CA MSE B 122 13.56 -2.19 -10.60
CA MSE B 122 13.43 -2.21 -10.74
C MSE B 122 14.67 -2.48 -9.56
C MSE B 122 14.50 -2.51 -9.67
O MSE B 122 14.52 -2.18 -8.38
O MSE B 122 14.28 -2.29 -8.48
CB MSE B 122 12.71 -3.43 -10.84
CB MSE B 122 12.65 -3.47 -11.12
CG MSE B 122 12.03 -3.91 -9.58
CG MSE B 122 11.72 -3.98 -10.06
SE MSE B 122 10.49 -2.78 -9.14
SE MSE B 122 10.31 -2.67 -9.66
CE MSE B 122 9.43 -3.10 -10.74
CE MSE B 122 9.96 -3.23 -7.80
N GLU B 123 15.79 -3.07 -9.99
N GLU B 123 15.67 -2.99 -10.10
CA GLU B 123 16.87 -3.36 -9.04
CA GLU B 123 16.78 -3.21 -9.17
C GLU B 123 17.38 -2.08 -8.38
C GLU B 123 17.15 -1.94 -8.42
N GLU B 124 17.36 -0.98 -9.13
N GLU B 124 17.42 -0.88 -9.18
CA GLU B 124 17.82 0.30 -8.60
CA GLU B 124 17.83 0.39 -8.61
C GLU B 124 16.81 0.88 -7.61
C GLU B 124 16.81 0.91 -7.61
N LEU B 125 15.53 0.74 -7.92
CA LEU B 125 14.47 1.23 -7.05
C LEU B 125 14.58 0.47 -5.72
N VAL B 126 14.74 -0.84 -5.80
CA VAL B 126 14.81 -1.64 -4.59
C VAL B 126 16.07 -1.34 -3.79
N LYS B 127 17.18 -1.12 -4.50
CA LYS B 127 18.42 -0.74 -3.83
C LYS B 127 18.21 0.52 -2.99
N GLY B 128 17.55 1.51 -3.58
CA GLY B 128 17.31 2.78 -2.90
C GLY B 128 16.38 2.65 -1.68
N MSE B 129 15.29 1.91 -1.83
CA MSE B 129 14.32 1.69 -0.74
CA MSE B 129 14.38 1.79 -0.70
C MSE B 129 15.06 1.00 0.41
O MSE B 129 14.90 1.35 1.59
CB MSE B 129 13.22 0.71 -1.18
CB MSE B 129 13.07 1.13 -1.11
CG MSE B 129 12.28 1.19 -2.22
CG MSE B 129 13.27 -0.22 -1.76
SE MSE B 129 11.10 -0.30 -2.64
SE MSE B 129 11.52 -0.93 -2.27
CE MSE B 129 10.60 0.34 -4.42
CE MSE B 129 10.75 0.73 -2.83
N SER B 130 15.86 0.00 0.04
CA SER B 130 16.55 -0.83 1.02
C SER B 130 17.62 -0.03 1.76
N LYS B 131 18.29 0.88 1.05
CA LYS B 131 19.26 1.78 1.70
C LYS B 131 18.61 2.62 2.81
N ALA B 132 17.44 3.20 2.49
CA ALA B 132 16.69 4.00 3.46
C ALA B 132 16.23 3.15 4.63
N CYS B 133 15.71 1.96 4.33
CA CYS B 133 15.27 1.07 5.42
C CYS B 133 16.43 0.71 6.33
N ALA B 134 17.55 0.31 5.72
CA ALA B 134 18.64 -0.28 6.50
C ALA B 134 19.19 0.75 7.47
N GLU B 135 19.28 2.00 7.03
CA GLU B 135 19.97 3.01 7.81
C GLU B 135 19.22 3.37 9.09
N CYS B 136 17.91 3.11 9.13
CA CYS B 136 17.13 3.43 10.33
C CYS B 136 16.48 2.22 10.99
N GLY B 137 16.94 1.02 10.65
CA GLY B 137 16.45 -0.17 11.35
C GLY B 137 15.05 -0.66 10.96
N VAL B 138 14.58 -0.28 9.76
CA VAL B 138 13.27 -0.77 9.26
C VAL B 138 13.51 -1.98 8.36
N SER B 139 12.74 -3.06 8.58
CA SER B 139 12.86 -4.28 7.75
C SER B 139 11.87 -4.20 6.61
N LEU B 140 12.35 -4.48 5.39
CA LEU B 140 11.50 -4.48 4.20
C LEU B 140 10.94 -5.91 4.12
N VAL B 141 9.64 -6.07 4.40
CA VAL B 141 9.06 -7.39 4.65
C VAL B 141 8.16 -7.90 3.50
N GLY B 142 8.01 -7.14 2.43
CA GLY B 142 7.21 -7.64 1.32
C GLY B 142 7.09 -6.60 0.23
N GLY B 143 6.74 -7.07 -0.97
CA GLY B 143 6.54 -6.14 -2.06
C GLY B 143 5.77 -6.81 -3.16
N GLU B 144 5.26 -6.00 -4.08
N GLU B 144 5.27 -6.00 -4.09
CA GLU B 144 4.58 -6.54 -5.22
CA GLU B 144 4.41 -6.48 -5.17
C GLU B 144 4.86 -5.66 -6.41
C GLU B 144 4.68 -5.61 -6.39
N THR B 145 4.62 -6.19 -7.58
CA THR B 145 4.74 -5.41 -8.82
C THR B 145 3.54 -5.73 -9.70
N ALA B 146 3.25 -4.83 -10.64
CA ALA B 146 2.22 -5.11 -11.59
C ALA B 146 2.62 -4.51 -12.92
N GLU B 147 2.47 -5.29 -13.98
CA GLU B 147 2.73 -4.82 -15.34
C GLU B 147 1.41 -4.84 -16.13
N MSE B 148 0.85 -3.64 -16.38
CA MSE B 148 -0.48 -3.55 -16.99
C MSE B 148 -0.50 -2.43 -18.02
O MSE B 148 -0.76 -1.27 -17.69
CB MSE B 148 -1.53 -3.28 -15.90
CG MSE B 148 -1.55 -4.35 -14.81
SE MSE B 148 -2.90 -4.04 -13.42
CE MSE B 148 -2.18 -2.40 -12.63
N PRO B 149 -0.20 -2.78 -19.28
CA PRO B 149 -0.17 -1.77 -20.34
C PRO B 149 -1.54 -1.16 -20.65
N GLY B 150 -2.62 -1.82 -20.26
CA GLY B 150 -3.96 -1.27 -20.49
C GLY B 150 -4.41 -0.37 -19.35
N VAL B 151 -3.55 -0.22 -18.34
CA VAL B 151 -3.83 0.67 -17.23
C VAL B 151 -2.84 1.84 -17.23
N TYR B 152 -1.56 1.51 -17.47
CA TYR B 152 -0.49 2.52 -17.46
C TYR B 152 -0.16 2.98 -18.86
N GLN B 153 0.03 4.28 -19.03
CA GLN B 153 0.55 4.80 -20.29
C GLN B 153 2.02 4.38 -20.45
N ALA B 154 2.47 4.32 -21.69
CA ALA B 154 3.85 3.88 -21.98
C ALA B 154 4.90 4.64 -21.17
N GLY B 155 5.80 3.90 -20.55
CA GLY B 155 6.89 4.48 -19.77
C GLY B 155 6.55 5.03 -18.41
N GLU B 156 5.27 5.00 -18.03
CA GLU B 156 4.85 5.57 -16.76
C GLU B 156 4.96 4.53 -15.64
N ILE B 157 5.11 5.01 -14.41
CA ILE B 157 5.28 4.18 -13.23
C ILE B 157 4.53 4.80 -12.05
N ASP B 158 3.98 3.97 -11.16
CA ASP B 158 3.45 4.46 -9.89
C ASP B 158 4.15 3.64 -8.81
N MSE B 159 4.56 4.30 -7.75
CA MSE B 159 5.23 3.61 -6.65
C MSE B 159 4.54 3.96 -5.35
O MSE B 159 4.35 5.14 -5.06
CB MSE B 159 6.69 4.06 -6.53
CG MSE B 159 7.49 3.83 -7.78
SE MSE B 159 9.25 4.64 -7.63
CE MSE B 159 9.94 3.61 -6.14
N VAL B 160 4.24 2.93 -4.56
CA VAL B 160 3.54 3.16 -3.30
C VAL B 160 4.27 2.40 -2.19
N GLY B 161 4.38 3.04 -1.02
CA GLY B 161 5.03 2.42 0.12
C GLY B 161 4.16 2.49 1.36
N VAL B 162 4.25 1.47 2.19
CA VAL B 162 3.50 1.45 3.44
C VAL B 162 4.45 1.24 4.60
N ILE B 163 4.41 2.17 5.55
CA ILE B 163 5.28 2.08 6.71
C ILE B 163 4.44 1.72 7.93
N THR B 164 5.05 0.94 8.83
CA THR B 164 4.43 0.55 10.10
C THR B 164 5.44 0.83 11.20
N GLY B 165 4.95 1.46 12.27
CA GLY B 165 5.78 1.81 13.40
C GLY B 165 5.06 1.51 14.70
N ILE B 166 5.79 1.67 15.80
CA ILE B 166 5.28 1.40 17.15
CA ILE B 166 5.20 1.44 17.11
C ILE B 166 5.52 2.62 18.03
N VAL B 167 4.54 2.96 18.86
CA VAL B 167 4.74 4.04 19.84
C VAL B 167 4.02 3.58 21.12
N ASP B 168 4.54 3.97 22.28
CA ASP B 168 3.85 3.68 23.53
C ASP B 168 2.71 4.71 23.58
N ARG B 169 1.50 4.29 23.97
CA ARG B 169 0.35 5.17 23.85
CA ARG B 169 0.34 5.16 23.85
C ARG B 169 0.59 6.52 24.52
N LYS B 170 1.18 6.50 25.72
CA LYS B 170 1.36 7.74 26.48
C LYS B 170 2.43 8.66 25.91
N ARG B 171 3.18 8.15 24.93
CA ARG B 171 4.24 8.92 24.29
C ARG B 171 3.86 9.41 22.89
N ILE B 172 2.62 9.20 22.49
CA ILE B 172 2.13 9.75 21.22
C ILE B 172 2.30 11.27 21.22
N ILE B 173 2.86 11.82 20.16
CA ILE B 173 3.06 13.26 20.03
C ILE B 173 1.97 13.79 19.09
N ASN B 174 1.17 14.73 19.57
CA ASN B 174 0.09 15.22 18.72
C ASN B 174 -0.19 16.70 18.89
N GLY B 175 0.72 17.40 19.56
CA GLY B 175 0.63 18.84 19.70
C GLY B 175 -0.27 19.38 20.82
N GLU B 176 -0.91 18.50 21.58
N GLU B 176 -0.90 18.50 21.60
CA GLU B 176 -1.89 18.93 22.57
CA GLU B 176 -1.90 18.95 22.56
C GLU B 176 -1.34 19.91 23.61
C GLU B 176 -1.35 19.91 23.62
N ASN B 177 -0.04 19.83 23.90
CA ASN B 177 0.57 20.70 24.92
C ASN B 177 1.21 21.98 24.36
N ILE B 178 1.06 22.21 23.07
CA ILE B 178 1.63 23.41 22.45
C ILE B 178 0.99 24.67 23.04
N LYS B 179 1.80 25.70 23.28
CA LYS B 179 1.34 26.96 23.86
C LYS B 179 1.98 28.13 23.16
N GLU B 180 1.33 29.29 23.23
CA GLU B 180 1.89 30.54 22.74
C GLU B 180 3.27 30.72 23.32
N GLY B 181 4.23 31.13 22.50
CA GLY B 181 5.58 31.32 22.98
C GLY B 181 6.50 30.13 22.76
N ASP B 182 5.91 28.97 22.48
CA ASP B 182 6.72 27.83 22.05
C ASP B 182 7.44 28.22 20.75
N ILE B 183 8.55 27.52 20.48
CA ILE B 183 9.37 27.86 19.33
C ILE B 183 9.10 26.86 18.19
N VAL B 184 9.16 27.35 16.95
CA VAL B 184 9.13 26.47 15.80
C VAL B 184 10.57 26.29 15.30
N PHE B 185 10.99 25.03 15.23
CA PHE B 185 12.30 24.67 14.72
C PHE B 185 12.07 23.99 13.38
N GLY B 186 13.06 24.02 12.51
CA GLY B 186 12.93 23.38 11.22
C GLY B 186 14.15 22.56 10.91
N LEU B 187 13.94 21.45 10.20
CA LEU B 187 15.06 20.67 9.67
C LEU B 187 15.07 20.90 8.16
N SER B 188 16.24 21.20 7.61
CA SER B 188 16.33 21.51 6.19
C SER B 188 15.84 20.38 5.29
N SER B 189 15.31 20.77 4.13
CA SER B 189 14.99 19.82 3.06
C SER B 189 16.17 19.81 2.08
N SER B 190 16.18 18.84 1.18
CA SER B 190 17.23 18.73 0.17
C SER B 190 16.80 19.38 -1.15
N GLY B 191 15.62 19.99 -1.15
CA GLY B 191 15.02 20.51 -2.39
C GLY B 191 13.53 20.23 -2.36
N LEU B 192 12.96 19.90 -3.51
CA LEU B 192 11.51 19.70 -3.62
C LEU B 192 10.99 18.51 -2.83
N HIS B 193 11.87 17.55 -2.53
CA HIS B 193 11.48 16.30 -1.87
C HIS B 193 10.59 15.44 -2.78
N THR B 194 9.29 15.38 -2.52
CA THR B 194 8.39 14.62 -3.43
C THR B 194 7.09 15.39 -3.73
N ASN B 195 7.22 16.71 -3.81
CA ASN B 195 6.10 17.57 -4.21
C ASN B 195 6.56 18.66 -5.18
N GLY B 196 5.71 19.02 -6.14
CA GLY B 196 6.04 20.09 -7.07
C GLY B 196 6.72 19.69 -8.37
N TYR B 197 6.84 18.38 -8.64
CA TYR B 197 7.62 17.95 -9.81
C TYR B 197 6.90 18.08 -11.16
N SER B 198 5.57 18.22 -11.15
CA SER B 198 4.90 18.48 -12.41
C SER B 198 5.29 19.88 -12.90
N PHE B 199 5.19 20.85 -12.00
CA PHE B 199 5.66 22.21 -12.27
C PHE B 199 7.13 22.23 -12.67
N ALA B 200 7.97 21.62 -11.85
CA ALA B 200 9.41 21.64 -12.13
C ALA B 200 9.72 21.05 -13.48
N ARG B 201 9.16 19.88 -13.78
CA ARG B 201 9.47 19.20 -15.03
C ARG B 201 9.05 20.05 -16.23
N LYS B 202 7.85 20.58 -16.19
CA LYS B 202 7.35 21.34 -17.33
C LYS B 202 8.09 22.67 -17.46
N LEU B 203 8.37 23.31 -16.33
CA LEU B 203 9.07 24.60 -16.36
C LEU B 203 10.41 24.46 -17.06
N PHE B 204 11.21 23.49 -16.62
CA PHE B 204 12.56 23.38 -17.16
C PHE B 204 12.59 22.75 -18.52
N PHE B 205 11.81 21.70 -18.73
CA PHE B 205 12.00 20.87 -19.94
C PHE B 205 10.98 21.06 -21.04
N ASP B 206 9.79 21.56 -20.71
CA ASP B 206 8.79 21.85 -21.75
C ASP B 206 8.73 23.34 -22.10
N VAL B 207 8.78 24.19 -21.09
CA VAL B 207 8.71 25.63 -21.30
C VAL B 207 10.08 26.23 -21.64
N ALA B 208 11.02 26.06 -20.72
CA ALA B 208 12.35 26.63 -20.89
C ALA B 208 13.14 25.90 -21.97
N GLY B 209 12.75 24.67 -22.28
CA GLY B 209 13.46 23.85 -23.24
C GLY B 209 14.88 23.42 -22.84
N ASN B 210 15.19 23.40 -21.55
CA ASN B 210 16.50 22.90 -21.09
C ASN B 210 16.61 21.39 -21.30
N LYS B 211 17.85 20.90 -21.23
CA LYS B 211 18.14 19.47 -21.08
C LYS B 211 18.55 19.24 -19.63
N HIS B 212 18.40 18.02 -19.14
CA HIS B 212 18.64 17.78 -17.70
C HIS B 212 20.12 17.93 -17.29
N THR B 213 21.02 17.92 -18.27
CA THR B 213 22.44 18.15 -17.99
C THR B 213 22.82 19.62 -17.94
N ASP B 214 21.88 20.52 -18.28
CA ASP B 214 22.16 21.96 -18.22
C ASP B 214 22.34 22.39 -16.76
N THR B 215 22.98 23.54 -16.55
CA THR B 215 23.04 24.18 -15.24
C THR B 215 22.54 25.63 -15.37
N TYR B 216 22.47 26.33 -14.24
CA TYR B 216 22.00 27.71 -14.21
C TYR B 216 22.84 28.42 -13.17
N PRO B 217 22.87 29.76 -13.22
CA PRO B 217 23.67 30.55 -12.29
C PRO B 217 23.52 30.08 -10.85
N GLU B 218 22.28 29.85 -10.41
CA GLU B 218 22.03 29.51 -9.02
C GLU B 218 22.63 28.16 -8.61
N LEU B 219 22.81 27.28 -9.59
CA LEU B 219 23.22 25.91 -9.28
C LEU B 219 24.74 25.75 -9.26
N GLU B 220 25.43 26.77 -9.73
CA GLU B 220 26.90 26.80 -9.75
C GLU B 220 27.52 25.48 -10.21
N GLY B 221 27.12 25.04 -11.39
CA GLY B 221 27.73 23.86 -11.97
C GLY B 221 26.90 22.59 -11.87
N LYS B 222 26.11 22.47 -10.81
CA LYS B 222 25.31 21.25 -10.62
C LYS B 222 24.21 21.18 -11.69
N THR B 223 23.89 19.98 -12.17
CA THR B 223 22.90 19.91 -13.25
C THR B 223 21.48 20.01 -12.72
N ILE B 224 20.57 20.46 -13.57
CA ILE B 224 19.16 20.55 -13.18
C ILE B 224 18.66 19.16 -12.75
N GLY B 225 19.02 18.13 -13.52
CA GLY B 225 18.56 16.79 -13.20
C GLY B 225 19.02 16.35 -11.81
N ASP B 226 20.30 16.52 -11.53
CA ASP B 226 20.82 16.11 -10.22
C ASP B 226 20.18 16.86 -9.08
N VAL B 227 20.02 18.17 -9.22
CA VAL B 227 19.44 18.93 -8.12
CA VAL B 227 19.42 18.99 -8.17
C VAL B 227 17.96 18.58 -7.92
N LEU B 228 17.24 18.31 -9.00
CA LEU B 228 15.85 17.88 -8.86
C LEU B 228 15.74 16.51 -8.20
N LEU B 229 16.70 15.62 -8.49
CA LEU B 229 16.56 14.23 -8.08
C LEU B 229 17.20 13.92 -6.73
N GLU B 230 17.73 14.94 -6.06
CA GLU B 230 18.16 14.74 -4.67
C GLU B 230 17.02 14.10 -3.85
N PRO B 231 17.37 13.11 -3.01
CA PRO B 231 16.33 12.34 -2.33
C PRO B 231 15.64 13.10 -1.21
N HIS B 232 14.35 12.82 -1.08
CA HIS B 232 13.54 13.26 0.04
C HIS B 232 14.23 12.75 1.32
N ILE B 233 14.58 13.67 2.23
CA ILE B 233 15.34 13.29 3.42
C ILE B 233 14.55 12.38 4.35
N ASN B 234 15.21 11.37 4.88
CA ASN B 234 14.62 10.47 5.87
C ASN B 234 14.91 11.00 7.26
N TYR B 235 13.90 11.55 7.94
CA TYR B 235 14.13 12.20 9.23
C TYR B 235 14.08 11.24 10.41
N THR B 236 13.92 9.94 10.14
CA THR B 236 13.76 8.96 11.23
C THR B 236 14.84 9.05 12.31
N ASN B 237 16.09 8.99 11.89
CA ASN B 237 17.18 8.88 12.86
C ASN B 237 17.36 10.13 13.72
N ILE B 238 17.29 11.31 13.09
CA ILE B 238 17.47 12.55 13.87
C ILE B 238 16.35 12.73 14.91
N ILE B 239 15.11 12.45 14.51
CA ILE B 239 13.98 12.54 15.44
C ILE B 239 14.12 11.50 16.55
N HIS B 240 14.52 10.28 16.17
CA HIS B 240 14.73 9.23 17.17
C HIS B 240 15.81 9.70 18.16
N ASP B 241 16.87 10.29 17.65
CA ASP B 241 18.00 10.70 18.51
C ASP B 241 17.52 11.79 19.48
N PHE B 242 16.75 12.76 18.97
CA PHE B 242 16.19 13.79 19.85
C PHE B 242 15.33 13.14 20.96
N LEU B 243 14.37 12.30 20.58
CA LEU B 243 13.43 11.73 21.56
C LEU B 243 14.11 10.81 22.56
N ASP B 244 15.08 10.05 22.08
CA ASP B 244 15.86 9.11 22.88
C ASP B 244 16.70 9.82 23.94
N ASN B 245 17.04 11.09 23.67
CA ASN B 245 17.90 11.85 24.54
C ASN B 245 17.12 12.87 25.35
N GLY B 246 15.81 12.70 25.43
CA GLY B 246 15.00 13.49 26.32
C GLY B 246 14.57 14.86 25.83
N VAL B 247 14.70 15.14 24.53
CA VAL B 247 14.15 16.37 24.01
C VAL B 247 12.63 16.33 24.12
N ASP B 248 12.05 17.39 24.66
N ASP B 248 12.05 17.39 24.66
CA ASP B 248 10.60 17.44 24.85
CA ASP B 248 10.61 17.44 24.86
C ASP B 248 9.95 18.04 23.61
C ASP B 248 9.91 18.02 23.64
N ILE B 249 9.68 17.18 22.63
CA ILE B 249 9.03 17.63 21.41
C ILE B 249 7.51 17.63 21.61
N LYS B 250 6.88 18.77 21.39
CA LYS B 250 5.44 18.90 21.65
C LYS B 250 4.61 18.62 20.42
N GLY B 251 5.20 18.79 19.24
CA GLY B 251 4.50 18.52 18.00
C GLY B 251 5.45 18.59 16.82
N MSE B 252 5.08 17.94 15.71
CA MSE B 252 5.90 17.97 14.51
C MSE B 252 5.00 18.01 13.29
O MSE B 252 3.87 17.51 13.32
CB MSE B 252 6.81 16.74 14.44
CG MSE B 252 8.00 16.79 15.38
SE MSE B 252 9.05 15.14 15.21
CE MSE B 252 8.22 14.12 16.63
N ALA B 253 5.49 18.58 12.20
CA ALA B 253 4.71 18.55 10.96
C ALA B 253 5.67 18.36 9.79
N HIS B 254 5.36 17.36 8.97
CA HIS B 254 6.13 17.03 7.79
C HIS B 254 5.64 17.96 6.68
N ILE B 255 6.57 18.70 6.07
CA ILE B 255 6.20 19.75 5.13
C ILE B 255 6.17 19.17 3.71
N THR B 256 4.98 18.84 3.26
CA THR B 256 4.82 18.24 1.95
C THR B 256 4.09 19.26 1.06
N GLY B 257 3.10 18.83 0.30
CA GLY B 257 2.40 19.79 -0.54
C GLY B 257 1.75 20.93 0.22
N GLY B 258 1.78 22.13 -0.32
CA GLY B 258 1.08 23.23 0.31
C GLY B 258 1.85 23.96 1.41
N GLY B 259 3.13 23.64 1.55
CA GLY B 259 4.03 24.44 2.38
C GLY B 259 3.67 24.49 3.85
N PHE B 260 4.17 25.51 4.55
CA PHE B 260 3.96 25.62 5.99
C PHE B 260 2.48 25.81 6.32
N ILE B 261 1.78 26.57 5.49
CA ILE B 261 0.40 26.95 5.82
C ILE B 261 -0.54 25.73 5.75
N GLU B 262 -0.31 24.85 4.78
CA GLU B 262 -1.11 23.64 4.67
C GLU B 262 -0.83 22.64 5.79
N ASN B 263 0.43 22.54 6.21
CA ASN B 263 0.83 21.42 7.04
C ASN B 263 0.95 21.68 8.53
N ILE B 264 1.31 22.90 8.90
CA ILE B 264 1.50 23.17 10.33
C ILE B 264 0.18 23.14 11.15
N PRO B 265 -0.91 23.65 10.58
CA PRO B 265 -2.16 23.70 11.36
C PRO B 265 -2.65 22.36 11.92
N ARG B 266 -2.32 21.25 11.24
N ARG B 266 -2.36 21.25 11.24
CA ARG B 266 -2.74 19.92 11.66
CA ARG B 266 -2.79 19.95 11.73
C ARG B 266 -2.26 19.55 13.07
C ARG B 266 -2.40 19.77 13.19
N VAL B 267 -1.17 20.17 13.52
CA VAL B 267 -0.63 19.89 14.84
C VAL B 267 -0.91 20.98 15.89
N LEU B 268 -1.38 22.15 15.45
CA LEU B 268 -1.66 23.25 16.39
C LEU B 268 -2.99 23.07 17.12
N PRO B 269 -2.99 23.20 18.45
CA PRO B 269 -4.26 23.22 19.19
C PRO B 269 -5.18 24.31 18.64
N GLN B 270 -6.48 24.10 18.75
CA GLN B 270 -7.43 25.08 18.24
C GLN B 270 -7.15 26.47 18.82
N GLY B 271 -7.14 27.47 17.96
CA GLY B 271 -6.94 28.85 18.38
C GLY B 271 -5.51 29.34 18.33
N LEU B 272 -4.56 28.41 18.17
CA LEU B 272 -3.16 28.82 18.12
C LEU B 272 -2.70 28.98 16.68
N GLY B 273 -1.69 29.83 16.48
CA GLY B 273 -1.14 30.04 15.16
C GLY B 273 0.36 29.92 15.24
N ALA B 274 1.03 30.25 14.14
CA ALA B 274 2.48 30.24 14.10
C ALA B 274 2.94 31.36 13.22
N GLN B 275 4.13 31.85 13.50
CA GLN B 275 4.76 32.86 12.69
CA GLN B 275 4.74 32.84 12.64
C GLN B 275 6.13 32.34 12.27
N ILE B 276 6.36 32.25 10.96
CA ILE B 276 7.62 31.72 10.44
C ILE B 276 8.45 32.84 9.82
N ASP B 277 9.69 32.98 10.29
CA ASP B 277 10.63 33.95 9.72
CA ASP B 277 10.62 33.95 9.73
C ASP B 277 11.30 33.35 8.51
N LYS B 278 10.87 33.73 7.31
CA LYS B 278 11.40 33.10 6.11
C LYS B 278 12.91 33.30 5.91
N ASP B 279 13.46 34.36 6.47
CA ASP B 279 14.89 34.62 6.31
C ASP B 279 15.79 33.86 7.30
N SER B 280 15.19 33.09 8.20
CA SER B 280 15.95 32.42 9.24
C SER B 280 16.59 31.09 8.77
N PHE B 281 16.26 30.65 7.57
CA PHE B 281 16.81 29.41 7.02
C PHE B 281 17.12 29.56 5.53
N ALA B 282 18.03 28.73 5.02
CA ALA B 282 18.43 28.83 3.63
C ALA B 282 17.34 28.29 2.73
N THR B 283 17.10 28.97 1.61
CA THR B 283 16.23 28.42 0.59
C THR B 283 17.11 27.73 -0.44
N PRO B 284 16.90 26.42 -0.65
CA PRO B 284 17.71 25.67 -1.62
C PRO B 284 17.73 26.35 -2.97
N ALA B 285 18.88 26.26 -3.61
CA ALA B 285 19.10 26.94 -4.89
C ALA B 285 17.99 26.61 -5.91
N ILE B 286 17.50 25.38 -5.90
CA ILE B 286 16.49 25.00 -6.90
C ILE B 286 15.22 25.88 -6.78
N PHE B 287 14.82 26.22 -5.56
CA PHE B 287 13.66 27.09 -5.39
C PHE B 287 13.94 28.52 -5.85
N LYS B 288 15.13 29.04 -5.53
CA LYS B 288 15.49 30.37 -5.97
C LYS B 288 15.49 30.42 -7.48
N LEU B 289 16.01 29.37 -8.10
CA LEU B 289 16.00 29.29 -9.56
C LEU B 289 14.59 29.27 -10.16
N MSE B 290 13.72 28.41 -9.65
CA MSE B 290 12.38 28.33 -10.18
C MSE B 290 11.62 29.64 -10.02
O MSE B 290 10.94 30.10 -10.93
CB MSE B 290 11.61 27.14 -9.58
CG MSE B 290 12.27 25.83 -9.96
SE MSE B 290 11.24 24.32 -9.25
CE MSE B 290 11.17 24.79 -7.39
N GLN B 291 11.77 30.26 -8.86
CA GLN B 291 11.15 31.56 -8.61
C GLN B 291 11.58 32.62 -9.62
N ARG B 292 12.87 32.65 -9.94
CA ARG B 292 13.40 33.69 -10.81
C ARG B 292 12.98 33.49 -12.25
N ILE B 293 13.18 32.27 -12.73
N ILE B 293 13.22 32.29 -12.75
CA ILE B 293 12.83 31.93 -14.11
CA ILE B 293 12.83 31.96 -14.11
C ILE B 293 11.35 32.12 -14.41
C ILE B 293 11.37 32.37 -14.31
N GLY B 294 10.53 31.91 -13.38
CA GLY B 294 9.09 32.01 -13.55
C GLY B 294 8.46 33.34 -13.22
N ASP B 295 9.25 34.23 -12.62
N ASP B 295 9.22 34.27 -12.65
CA ASP B 295 8.78 35.54 -12.16
CA ASP B 295 8.60 35.51 -12.21
C ASP B 295 7.76 35.45 -11.04
C ASP B 295 7.42 35.14 -11.33
N ILE B 296 7.78 34.33 -10.31
N ILE B 296 7.72 34.40 -10.26
CA ILE B 296 6.76 34.03 -9.31
CA ILE B 296 6.74 34.00 -9.27
C ILE B 296 6.95 34.81 -8.00
C ILE B 296 6.94 34.76 -7.97
N SER B 297 5.84 35.23 -7.39
CA SER B 297 5.90 36.00 -6.16
C SER B 297 6.34 35.15 -4.98
N GLU B 298 6.92 35.80 -3.98
CA GLU B 298 7.29 35.11 -2.74
CA GLU B 298 7.30 35.08 -2.76
C GLU B 298 6.08 34.39 -2.14
N PHE B 299 4.97 35.10 -2.07
CA PHE B 299 3.75 34.57 -1.49
C PHE B 299 3.38 33.25 -2.14
N GLU B 300 3.42 33.22 -3.46
CA GLU B 300 3.02 32.00 -4.17
C GLU B 300 4.04 30.87 -4.03
N MSE B 301 5.35 31.20 -3.98
CA MSE B 301 6.33 30.15 -3.72
C MSE B 301 6.11 29.51 -2.35
O MSE B 301 6.12 28.30 -2.24
CB MSE B 301 7.77 30.69 -3.79
CG MSE B 301 8.23 31.20 -5.16
SE MSE B 301 8.25 29.77 -6.49
CE MSE B 301 9.69 28.60 -5.77
N TYR B 302 5.95 30.32 -1.31
CA TYR B 302 5.68 29.78 0.04
C TYR B 302 4.34 29.07 0.17
N ARG B 303 3.38 29.43 -0.69
CA ARG B 303 2.10 28.73 -0.67
C ARG B 303 2.28 27.29 -1.14
N SER B 304 3.20 27.10 -2.08
CA SER B 304 3.29 25.83 -2.79
C SER B 304 4.41 24.92 -2.33
N PHE B 305 5.52 25.49 -1.88
CA PHE B 305 6.75 24.72 -1.69
C PHE B 305 7.30 24.74 -0.28
N ASN B 306 8.16 23.77 0.04
CA ASN B 306 8.73 23.72 1.38
C ASN B 306 9.80 24.79 1.62
N MSE B 307 10.38 25.29 0.52
CA MSE B 307 11.29 26.43 0.53
C MSE B 307 12.50 26.23 1.42
O MSE B 307 13.19 27.20 1.76
CB MSE B 307 10.55 27.74 0.89
CG MSE B 307 9.50 28.18 -0.11
SE MSE B 307 10.21 28.44 -1.91
CE MSE B 307 10.97 30.21 -1.58
N GLY B 308 12.76 24.98 1.79
CA GLY B 308 14.00 24.67 2.47
C GLY B 308 13.79 24.03 3.83
N ILE B 309 12.54 23.90 4.25
CA ILE B 309 12.26 23.18 5.50
C ILE B 309 11.37 21.96 5.26
N GLY B 310 11.90 20.78 5.53
CA GLY B 310 11.15 19.54 5.25
C GLY B 310 10.37 19.03 6.46
N MSE B 311 10.81 19.42 7.65
CA MSE B 311 10.11 19.03 8.85
CA MSE B 311 10.19 18.97 8.89
C MSE B 311 10.20 20.11 9.92
O MSE B 311 11.23 20.75 10.11
CB MSE B 311 10.64 17.72 9.42
CB MSE B 311 10.97 17.77 9.45
CG MSE B 311 9.85 17.30 10.65
CG MSE B 311 10.48 17.25 10.80
SE MSE B 311 10.18 15.46 11.07
SE MSE B 311 8.73 16.36 10.70
CE MSE B 311 9.24 14.57 9.60
CE MSE B 311 9.11 14.94 9.41
N THR B 312 9.07 20.34 10.58
CA THR B 312 9.03 21.31 11.66
C THR B 312 8.85 20.59 12.98
N ILE B 313 9.42 21.18 14.02
CA ILE B 313 9.41 20.62 15.36
C ILE B 313 9.02 21.76 16.30
N ILE B 314 8.00 21.56 17.11
CA ILE B 314 7.56 22.61 18.02
C ILE B 314 7.96 22.20 19.44
N ALA B 315 8.67 23.09 20.14
CA ALA B 315 9.17 22.79 21.49
C ALA B 315 9.49 24.11 22.19
N SER B 316 9.64 24.06 23.51
N SER B 316 9.63 24.08 23.52
CA SER B 316 10.06 25.24 24.26
CA SER B 316 10.03 25.27 24.24
C SER B 316 11.46 25.68 23.85
C SER B 316 11.45 25.68 23.87
N GLN B 317 11.73 26.97 23.96
CA GLN B 317 13.03 27.53 23.57
C GLN B 317 14.20 26.78 24.19
N ASP B 318 14.07 26.39 25.45
CA ASP B 318 15.19 25.74 26.14
C ASP B 318 15.51 24.31 25.70
N GLN B 319 14.76 23.80 24.72
CA GLN B 319 15.08 22.50 24.14
C GLN B 319 16.08 22.65 23.01
N PHE B 320 16.34 23.88 22.57
CA PHE B 320 17.26 24.10 21.46
C PHE B 320 18.66 23.63 21.85
N ASP B 321 19.06 23.85 23.10
CA ASP B 321 20.42 23.49 23.49
CA ASP B 321 20.38 23.49 23.58
C ASP B 321 20.72 22.02 23.25
N LYS B 322 19.87 21.12 23.72
CA LYS B 322 20.09 19.71 23.48
C LYS B 322 19.96 19.35 21.99
N MSE B 323 18.94 19.90 21.31
N MSE B 323 18.96 19.91 21.32
CA MSE B 323 18.74 19.57 19.91
CA MSE B 323 18.73 19.60 19.90
C MSE B 323 19.92 19.96 19.03
C MSE B 323 19.93 19.97 19.03
O MSE B 323 20.33 19.22 18.14
O MSE B 323 20.31 19.23 18.13
CB MSE B 323 17.45 20.18 19.35
CB MSE B 323 17.46 20.29 19.38
CG MSE B 323 16.20 19.37 19.63
CG MSE B 323 16.18 19.91 20.13
SE MSE B 323 14.66 20.02 18.59
SE MSE B 323 14.69 21.14 19.75
CE MSE B 323 14.78 21.91 19.04
CE MSE B 323 14.66 21.08 17.80
N GLN B 324 20.49 21.15 19.28
CA GLN B 324 21.57 21.60 18.42
CA GLN B 324 21.60 21.64 18.47
C GLN B 324 22.78 20.70 18.57
N GLU B 325 23.07 20.27 19.80
CA GLU B 325 24.18 19.35 20.08
CA GLU B 325 24.18 19.37 20.06
C GLU B 325 23.96 18.00 19.42
N LEU B 326 22.75 17.47 19.57
CA LEU B 326 22.39 16.16 19.02
C LEU B 326 22.35 16.14 17.50
N ALA B 327 22.00 17.28 16.89
CA ALA B 327 21.83 17.34 15.44
C ALA B 327 23.15 17.25 14.68
N LYS B 328 24.26 17.59 15.34
CA LYS B 328 25.54 17.68 14.66
C LYS B 328 25.93 16.41 13.90
N LYS B 329 25.74 15.25 14.52
CA LYS B 329 26.12 13.99 13.88
C LYS B 329 25.25 13.63 12.66
N HIS B 330 24.12 14.30 12.52
CA HIS B 330 23.16 13.99 11.46
C HIS B 330 23.42 14.91 10.26
N THR B 331 24.25 14.44 9.33
CA THR B 331 24.86 15.32 8.34
C THR B 331 23.99 15.51 7.09
N ASN B 332 22.84 14.86 7.06
CA ASN B 332 21.94 15.00 5.91
C ASN B 332 20.89 16.09 6.08
N THR B 333 20.89 16.77 7.23
CA THR B 333 19.93 17.85 7.41
C THR B 333 20.54 18.85 8.37
N LYS B 334 19.98 20.05 8.40
CA LYS B 334 20.47 21.11 9.27
C LYS B 334 19.31 21.63 10.10
N LEU B 335 19.57 21.82 11.38
CA LEU B 335 18.56 22.32 12.31
C LEU B 335 18.59 23.85 12.37
N TYR B 336 17.41 24.47 12.23
CA TYR B 336 17.26 25.90 12.39
C TYR B 336 16.19 26.25 13.41
N GLN B 337 16.33 27.42 14.03
CA GLN B 337 15.18 28.00 14.74
C GLN B 337 14.46 28.94 13.77
N ILE B 338 13.19 28.67 13.47
CA ILE B 338 12.54 29.38 12.37
C ILE B 338 11.28 30.20 12.71
N GLY B 339 10.75 30.07 13.91
CA GLY B 339 9.52 30.80 14.19
C GLY B 339 9.02 30.61 15.59
N LYS B 340 7.75 30.94 15.81
CA LYS B 340 7.19 30.84 17.14
C LYS B 340 5.68 30.64 17.05
N ILE B 341 5.12 30.10 18.13
CA ILE B 341 3.69 29.83 18.20
C ILE B 341 3.00 31.07 18.74
N THR B 342 1.84 31.38 18.19
CA THR B 342 1.12 32.59 18.56
C THR B 342 -0.31 32.22 18.90
N ASN B 343 -1.10 33.22 19.25
N ASN B 343 -1.12 33.22 19.26
CA ASN B 343 -2.51 33.02 19.52
CA ASN B 343 -2.54 32.97 19.51
C ASN B 343 -3.35 33.59 18.37
C ASN B 343 -3.42 33.36 18.32
N SER B 344 -2.79 33.60 17.17
CA SER B 344 -3.50 34.15 16.00
C SER B 344 -4.50 33.20 15.34
N GLY B 345 -4.30 31.90 15.52
CA GLY B 345 -5.11 30.92 14.82
C GLY B 345 -4.70 30.71 13.37
N LYS B 346 -3.69 31.45 12.92
CA LYS B 346 -3.21 31.36 11.54
C LYS B 346 -1.72 31.11 11.45
N VAL B 347 -1.29 30.53 10.34
CA VAL B 347 0.14 30.40 10.07
C VAL B 347 0.54 31.53 9.15
N GLU B 348 1.46 32.37 9.62
CA GLU B 348 1.90 33.55 8.89
CA GLU B 348 1.90 33.52 8.85
C GLU B 348 3.40 33.45 8.58
N ILE B 349 3.76 33.76 7.34
CA ILE B 349 5.17 33.76 6.94
C ILE B 349 5.64 35.21 6.77
N ILE B 350 6.67 35.59 7.50
CA ILE B 350 7.14 36.95 7.52
C ILE B 350 8.63 37.09 7.26
S SO4 C . -4.87 -10.33 -14.39
O1 SO4 C . -3.67 -10.50 -13.57
O2 SO4 C . -4.76 -11.17 -15.59
O3 SO4 C . -6.08 -10.65 -13.62
O4 SO4 C . -4.92 -8.93 -14.76
S SO4 D . -0.80 -13.14 -7.75
O1 SO4 D . -0.02 -12.42 -6.74
O2 SO4 D . -0.17 -12.99 -9.06
O3 SO4 D . -0.83 -14.55 -7.41
O4 SO4 D . -2.14 -12.54 -7.79
S SO4 E . -18.84 -15.82 7.03
O1 SO4 E . -18.21 -14.50 7.06
O2 SO4 E . -17.81 -16.82 6.72
O3 SO4 E . -19.46 -16.03 8.32
O4 SO4 E . -19.86 -15.87 5.99
P AMP F . -5.88 13.35 2.72
O1P AMP F . -6.47 13.95 1.46
O2P AMP F . -4.76 12.37 2.47
O3P AMP F . -5.62 14.36 3.81
O5' AMP F . -7.09 12.46 3.30
C5' AMP F . -8.11 13.05 4.10
C4' AMP F . -8.94 12.02 4.83
O4' AMP F . -9.35 10.98 3.89
C3' AMP F . -8.22 11.28 5.97
O3' AMP F . -9.16 10.99 6.99
C2' AMP F . -7.76 9.99 5.31
O2' AMP F . -7.58 8.92 6.22
C1' AMP F . -8.89 9.72 4.33
N9 AMP F . -8.51 8.93 3.15
C8 AMP F . -7.85 9.40 2.06
N7 AMP F . -7.67 8.42 1.14
C5 AMP F . -8.24 7.31 1.62
C6 AMP F . -8.42 5.92 1.15
N6 AMP F . -7.93 5.51 -0.05
N1 AMP F . -9.09 5.07 1.98
C2 AMP F . -9.56 5.43 3.17
N3 AMP F . -9.43 6.68 3.66
C4 AMP F . -8.80 7.64 2.94
S SO4 G . -15.02 -4.50 19.43
O1 SO4 G . -13.91 -3.62 19.75
O2 SO4 G . -14.50 -5.83 19.12
O3 SO4 G . -15.91 -4.57 20.58
O4 SO4 G . -15.76 -3.95 18.28
C ACY H . -2.56 13.65 -5.52
O ACY H . -3.71 14.12 -5.36
OXT ACY H . -1.70 13.56 -4.62
CH3 ACY H . -2.20 13.16 -6.89
C FMT I . -10.37 -4.88 -22.24
O1 FMT I . -10.90 -5.51 -23.16
O2 FMT I . -10.89 -4.69 -21.14
C ACY J . -26.85 20.90 -1.46
O ACY J . -26.87 22.05 -1.94
OXT ACY J . -25.80 20.24 -1.28
CH3 ACY J . -28.15 20.26 -1.07
S SO4 K . -4.73 -4.72 -22.24
O1 SO4 K . -5.06 -4.39 -20.85
O2 SO4 K . -3.64 -5.68 -22.24
O3 SO4 K . -5.91 -5.33 -22.87
O4 SO4 K . -4.37 -3.52 -22.99
S SO4 L . 5.21 -14.04 -5.03
O1 SO4 L . 5.31 -12.94 -4.07
O2 SO4 L . 6.54 -14.52 -5.36
O3 SO4 L . 4.43 -15.12 -4.43
O4 SO4 L . 4.53 -13.58 -6.24
C FMT M . -4.72 -30.63 -25.30
O1 FMT M . -4.58 -31.00 -24.13
O2 FMT M . -3.92 -29.92 -25.92
S SO4 N . 2.74 17.72 -7.89
O1 SO4 N . 3.42 17.32 -6.65
O2 SO4 N . 3.68 18.08 -8.94
O3 SO4 N . 1.92 16.59 -8.37
O4 SO4 N . 1.88 18.85 -7.55
S SO4 O . 0.12 4.23 -24.86
O1 SO4 O . 0.77 3.89 -23.60
O2 SO4 O . 0.96 3.89 -25.99
O3 SO4 O . -1.15 3.51 -24.98
O4 SO4 O . -0.13 5.66 -24.84
S SO4 P . -3.43 13.05 -20.54
O1 SO4 P . -2.73 13.87 -19.54
O2 SO4 P . -2.66 11.83 -20.80
O3 SO4 P . -4.76 12.73 -20.05
O4 SO4 P . -3.56 13.80 -21.79
S SO4 Q . -5.73 28.58 -0.47
O1 SO4 Q . -4.44 29.25 -0.60
O2 SO4 Q . -5.83 27.51 -1.46
O3 SO4 Q . -5.82 28.00 0.87
O4 SO4 Q . -6.82 29.53 -0.67
S SO4 R . 0.87 15.66 -0.04
O1 SO4 R . 1.13 15.44 1.38
O2 SO4 R . 1.99 15.11 -0.81
O3 SO4 R . -0.38 15.01 -0.42
O4 SO4 R . 0.76 17.10 -0.32
S SO4 S . 3.92 -31.96 -26.33
O1 SO4 S . 4.58 -31.09 -25.36
O2 SO4 S . 4.91 -32.86 -26.94
O3 SO4 S . 2.88 -32.74 -25.66
O4 SO4 S . 3.30 -31.15 -27.38
S SO4 T . 7.26 39.67 -4.63
O1 SO4 T . 6.57 39.59 -3.35
O2 SO4 T . 8.14 38.52 -4.77
O3 SO4 T . 6.28 39.68 -5.73
O4 SO4 T . 8.04 40.90 -4.68
C ACY U . 10.47 -5.52 -3.58
O ACY U . 9.76 -4.85 -4.37
OXT ACY U . 10.27 -5.62 -2.36
CH3 ACY U . 11.63 -6.28 -4.17
C TRS V . 21.49 10.85 9.73
C TRS V . 21.36 10.71 9.48
C1 TRS V . 21.33 11.52 8.37
C1 TRS V . 21.29 11.73 8.34
C2 TRS V . 22.86 11.21 10.28
C2 TRS V . 22.75 10.83 10.11
C3 TRS V . 21.37 9.33 9.71
C3 TRS V . 21.13 9.27 9.02
N TRS V . 20.41 11.38 10.56
N TRS V . 20.33 11.07 10.44
O1 TRS V . 21.24 12.93 8.58
O1 TRS V . 21.37 13.06 8.83
O2 TRS V . 23.78 11.39 9.21
O2 TRS V . 23.68 11.22 9.12
O3 TRS V . 21.81 8.82 10.97
O3 TRS V . 19.83 9.04 8.51
S SO4 W . 18.39 32.28 1.45
O1 SO4 W . 19.71 32.24 2.07
O2 SO4 W . 18.24 31.08 0.62
O3 SO4 W . 17.35 32.33 2.48
O4 SO4 W . 18.26 33.46 0.59
#